data_9AR5
#
_entry.id   9AR5
#
_cell.length_a   1.00
_cell.length_b   1.00
_cell.length_c   1.00
_cell.angle_alpha   90.00
_cell.angle_beta   90.00
_cell.angle_gamma   90.00
#
_symmetry.space_group_name_H-M   'P 1'
#
loop_
_entity.id
_entity.type
_entity.pdbx_description
1 polymer 'CRISPR-associated endonuclease, Csn1 family'
2 polymer 'RNA (92-MER)'
3 polymer 'DNA (25-MER)'
4 polymer "DNA/RNA (5'-D(P*TP*AP*CP*A)-R(P*(5MC))-D(P*CP*AP*AP*GP*CP*T)-3')"
#
loop_
_entity_poly.entity_id
_entity_poly.type
_entity_poly.pdbx_seq_one_letter_code
_entity_poly.pdbx_strand_id
1 'polypeptide(L)'
;MGGSEVGTVPVTWRLGVDVGERSIGLAAVSYEEDKPKEILAAVSWIHDGGVGDERSGASRLALRGMARRARRLRRFRRAR
LRDLDMLLSELGWTPLPDKNVSPVDAWLARKRLAEEYVVDETERRRLLGYAVSHMARHRGWRNPWTTIKDLKNLPQPSDS
WERTRESLEARYSVSLEPGTVGQWAGYLLQRAPGIRLNPTQQSAGRRAELSNATAFETRLRQEDVLWELRCIADVQGLPE
DVVSNVIDAVFCQKRPSVPAERIGRDPLDPSQLRASRACLEFQEYRIVAAVANLRIRDGSGSRPLSLEERNAVIEALLAQ
TERSLTWSDIALEILKLPNESDLTSVPEEDGPSSLAYSQFAPFDETSARIAEFIAKNRRKIPTFAQWWQEQDRTSRSDLV
AALADNSIAGEEEQELLVHLPDAELEALEGLALPSGRVAYSRLTLSGLTRVMRDDGVDVHNARKTCFGVDDNWRPPLPAL
HEATGHPVVDRNLAILRKFLSSATMRWGPPQSIVVELARGASESRERQAEEEAARRAHRKANDRIRAELRASGLSDPSPA
DLVRARLLELYDCHCMYCGAPISWENSELDHIVPRTDGGSNRHENLAITCGACNKEKGRRPFASWAETSNRVQLRDVIDR
VQKLKYSGNMYWTRDEFSRYKKSVVARLKRRTSDPEVIQSIESTGYAAVALRDRLLSYGEKNGVAQVAVFRGGVTAEARR
WLDISIERLFSRVAIFAQSTSTKRLDRRHHAVDAVVLTTLTPGVAKTLADARSRRVSAEFWRRPSDVNRHSTEEPQSPAY
RQWKESCSGLGDLLISTAARDSIAVAAPLRLRPTGALHEETLRAFSEHTVGAAWKGAELRRIVEPEVYAAFLALTDPGGR
FLKVSPSEDVLPADENRHIVLSDRVLGPRDRVKLFPDDRGSIRVRGGAAYIASFHHARVFRWGSSHSPSFALLRVSLADL
AVAGLLRDGVDVFTAELPPWTPAWRYASIALVKAVESGDAKQVGWLVPGDELDFGPEGVTTAAGDLSMFLKYFPERHWVV
TGFEDDKRINLKPAFLSAEQAEVLRTERSDRPDTLTEAGEILAQFFPRCWRATVAKVLCHPGLTVIRRTALGQPRWRRGH
LPYSWRPWSADPWSGGTP
;
A
2 'polyribonucleotide'
;GGUAGGAUGGCAAGAUCCUGGUAUGCUGGGGAGCCUGAAAAGGCUACCUAGCAAGACCCCUUCGUGGGGUCGCAUUCUUC
ACCCCCUCGCAGCAGCGAGGGGGUUC
;
B
3 'polydeoxyribonucleotide'
;(DA)(DG)(DC)(DT)(DT)(DG)(DG)(DT)(DG)(DT)(DA)(DT)(DA)(DC)(DC)(DA)(DG)(DG)(DA)(DT)
(DC)(DT)(DT)(DG)(DC)
;
X
4 'polydeoxyribonucleotide' (DT)(DA)(DC)(DA)(5MC)(DC)(DA)(DA)(DG)(DC)(DT) D
#
# COMPACT_ATOMS: atom_id res chain seq x y z
N GLY A 7 39.11 0.98 -13.82
CA GLY A 7 39.18 -0.24 -14.58
C GLY A 7 37.94 -0.51 -15.42
N THR A 8 37.27 0.56 -15.83
CA THR A 8 36.05 0.49 -16.61
C THR A 8 36.37 0.79 -18.06
N VAL A 9 36.05 -0.15 -18.95
CA VAL A 9 36.29 0.01 -20.38
C VAL A 9 34.99 0.49 -21.03
N PRO A 10 34.99 1.64 -21.70
CA PRO A 10 33.74 2.15 -22.28
C PRO A 10 33.39 1.43 -23.58
N VAL A 11 32.20 0.86 -23.63
CA VAL A 11 31.64 0.29 -24.85
C VAL A 11 30.22 0.82 -25.02
N THR A 12 29.74 0.76 -26.26
CA THR A 12 28.39 1.21 -26.55
C THR A 12 27.39 0.13 -26.15
N TRP A 13 26.41 0.50 -25.34
CA TRP A 13 25.36 -0.43 -24.93
C TRP A 13 24.15 0.37 -24.48
N ARG A 14 23.01 -0.32 -24.40
CA ARG A 14 21.76 0.28 -23.97
C ARG A 14 21.18 -0.53 -22.83
N LEU A 15 20.36 0.12 -22.01
CA LEU A 15 19.81 -0.47 -20.80
C LEU A 15 18.31 -0.65 -20.98
N GLY A 16 17.85 -1.91 -20.93
CA GLY A 16 16.44 -2.22 -21.01
C GLY A 16 15.91 -2.68 -19.66
N VAL A 17 14.80 -2.08 -19.25
CA VAL A 17 14.21 -2.32 -17.94
C VAL A 17 12.75 -2.67 -18.14
N ASP A 18 12.34 -3.86 -17.70
CA ASP A 18 10.94 -4.26 -17.67
C ASP A 18 10.49 -4.33 -16.22
N VAL A 19 9.54 -3.48 -15.85
CA VAL A 19 9.08 -3.34 -14.49
C VAL A 19 7.70 -3.96 -14.37
N GLY A 20 7.52 -4.86 -13.42
CA GLY A 20 6.26 -5.53 -13.23
C GLY A 20 5.65 -5.35 -11.86
N GLU A 21 4.83 -6.31 -11.43
CA GLU A 21 4.08 -6.14 -10.19
C GLU A 21 4.87 -6.67 -9.00
N ARG A 22 5.58 -7.79 -9.19
CA ARG A 22 6.52 -8.28 -8.18
C ARG A 22 7.92 -8.54 -8.74
N SER A 23 8.15 -8.27 -10.02
CA SER A 23 9.41 -8.61 -10.66
C SER A 23 9.86 -7.46 -11.55
N ILE A 24 11.18 -7.27 -11.60
CA ILE A 24 11.80 -6.30 -12.50
C ILE A 24 12.79 -7.05 -13.40
N GLY A 25 12.68 -6.81 -14.70
CA GLY A 25 13.61 -7.37 -15.67
C GLY A 25 14.62 -6.32 -16.10
N LEU A 26 15.88 -6.72 -16.17
CA LEU A 26 16.97 -5.80 -16.51
C LEU A 26 17.89 -6.44 -17.52
N ALA A 27 18.49 -5.61 -18.37
CA ALA A 27 19.36 -6.10 -19.43
C ALA A 27 20.41 -5.05 -19.77
N ALA A 28 21.51 -5.51 -20.34
CA ALA A 28 22.59 -4.64 -20.81
C ALA A 28 23.11 -5.25 -22.12
N VAL A 29 22.68 -4.69 -23.25
CA VAL A 29 22.99 -5.25 -24.56
C VAL A 29 23.94 -4.31 -25.28
N SER A 30 25.12 -4.81 -25.62
CA SER A 30 26.08 -4.02 -26.38
C SER A 30 25.61 -3.83 -27.80
N TYR A 31 26.01 -2.71 -28.39
CA TYR A 31 25.62 -2.36 -29.76
C TYR A 31 26.84 -1.90 -30.55
N GLU A 32 26.81 -2.19 -31.85
CA GLU A 32 27.88 -1.76 -32.75
C GLU A 32 27.38 -0.77 -33.79
N GLU A 33 26.40 -1.15 -34.61
CA GLU A 33 25.90 -0.35 -35.71
C GLU A 33 24.37 -0.36 -35.72
N ASP A 34 23.77 -0.08 -34.56
CA ASP A 34 22.33 -0.15 -34.31
C ASP A 34 21.80 -1.57 -34.42
N LYS A 35 22.65 -2.56 -34.22
CA LYS A 35 22.26 -3.96 -34.12
C LYS A 35 22.79 -4.54 -32.82
N PRO A 36 22.00 -5.38 -32.15
CA PRO A 36 22.47 -5.96 -30.87
C PRO A 36 23.68 -6.85 -31.10
N LYS A 37 24.79 -6.48 -30.47
CA LYS A 37 26.06 -7.15 -30.66
C LYS A 37 26.32 -8.26 -29.64
N GLU A 38 26.10 -7.98 -28.35
CA GLU A 38 26.35 -8.96 -27.31
C GLU A 38 25.54 -8.59 -26.08
N ILE A 39 24.87 -9.58 -25.49
CA ILE A 39 24.15 -9.38 -24.24
C ILE A 39 25.18 -9.42 -23.10
N LEU A 40 25.47 -8.26 -22.52
CA LEU A 40 26.49 -8.18 -21.49
C LEU A 40 26.01 -8.78 -20.17
N ALA A 41 24.76 -8.52 -19.80
CA ALA A 41 24.21 -9.02 -18.55
C ALA A 41 22.69 -8.98 -18.62
N ALA A 42 22.05 -10.04 -18.12
CA ALA A 42 20.61 -10.10 -18.00
C ALA A 42 20.24 -10.81 -16.71
N VAL A 43 19.21 -10.31 -16.05
CA VAL A 43 18.77 -10.87 -14.77
C VAL A 43 17.34 -10.43 -14.52
N SER A 44 16.55 -11.33 -13.96
CA SER A 44 15.22 -11.02 -13.45
C SER A 44 15.28 -11.00 -11.93
N TRP A 45 14.78 -9.92 -11.33
CA TRP A 45 14.78 -9.77 -9.89
C TRP A 45 13.36 -9.88 -9.36
N ILE A 46 13.17 -10.75 -8.38
CA ILE A 46 11.87 -10.95 -7.74
C ILE A 46 11.89 -10.27 -6.38
N HIS A 47 10.93 -9.38 -6.15
CA HIS A 47 10.83 -8.69 -4.88
C HIS A 47 9.42 -8.82 -4.34
N ASP A 48 9.29 -8.64 -3.02
CA ASP A 48 8.00 -8.73 -2.36
C ASP A 48 7.12 -7.52 -2.63
N GLY A 49 7.67 -6.45 -3.21
CA GLY A 49 6.93 -5.22 -3.32
C GLY A 49 6.81 -4.48 -2.02
N GLY A 50 7.68 -4.78 -1.05
CA GLY A 50 7.61 -4.18 0.26
C GLY A 50 6.51 -4.71 1.14
N VAL A 51 5.81 -5.75 0.73
CA VAL A 51 4.64 -6.23 1.44
C VAL A 51 5.06 -7.14 2.59
N GLY A 52 4.58 -6.82 3.80
CA GLY A 52 4.90 -7.60 4.98
C GLY A 52 3.75 -8.47 5.46
N ASP A 53 2.53 -7.97 5.30
CA ASP A 53 1.33 -8.74 5.64
C ASP A 53 0.69 -9.22 4.35
N GLU A 54 0.49 -10.54 4.26
CA GLU A 54 0.08 -11.13 2.99
C GLU A 54 -1.42 -11.11 2.77
N ARG A 55 -2.21 -11.27 3.82
CA ARG A 55 -3.66 -11.23 3.68
C ARG A 55 -4.13 -9.85 3.22
N SER A 56 -3.74 -8.81 3.96
CA SER A 56 -4.19 -7.46 3.63
C SER A 56 -3.39 -6.89 2.46
N GLY A 57 -2.13 -7.28 2.33
CA GLY A 57 -1.23 -6.68 1.37
C GLY A 57 -0.55 -5.43 1.85
N ALA A 58 -0.77 -5.04 3.10
CA ALA A 58 -0.14 -3.84 3.64
C ALA A 58 1.37 -4.01 3.72
N SER A 59 2.09 -2.96 3.35
CA SER A 59 3.53 -3.03 3.29
C SER A 59 4.14 -3.06 4.70
N ARG A 60 5.45 -3.26 4.75
CA ARG A 60 6.14 -3.27 6.03
C ARG A 60 6.20 -1.88 6.65
N LEU A 61 6.28 -0.84 5.80
CA LEU A 61 6.28 0.53 6.28
C LEU A 61 4.95 0.87 6.96
N ALA A 62 3.84 0.43 6.38
CA ALA A 62 2.53 0.66 7.00
C ALA A 62 2.42 -0.06 8.35
N LEU A 63 2.93 -1.28 8.43
CA LEU A 63 2.88 -2.02 9.69
C LEU A 63 3.72 -1.34 10.75
N ARG A 64 4.90 -0.85 10.38
CA ARG A 64 5.73 -0.09 11.30
C ARG A 64 5.01 1.17 11.77
N GLY A 65 4.36 1.89 10.86
CA GLY A 65 3.64 3.08 11.23
C GLY A 65 2.50 2.79 12.20
N MET A 66 1.76 1.72 11.94
CA MET A 66 0.66 1.35 12.84
C MET A 66 1.18 0.97 14.22
N ALA A 67 2.29 0.23 14.27
CA ALA A 67 2.87 -0.14 15.56
C ALA A 67 3.32 1.08 16.35
N ARG A 68 4.02 2.01 15.68
CA ARG A 68 4.49 3.20 16.35
C ARG A 68 3.33 4.08 16.82
N ARG A 69 2.28 4.17 16.01
CA ARG A 69 1.11 4.94 16.40
C ARG A 69 0.40 4.34 17.60
N ALA A 70 0.28 3.01 17.65
CA ALA A 70 -0.30 2.37 18.82
C ALA A 70 0.54 2.62 20.06
N ARG A 71 1.87 2.55 19.92
CA ARG A 71 2.76 2.84 21.05
C ARG A 71 2.54 4.25 21.58
N ARG A 72 2.48 5.23 20.67
CA ARG A 72 2.27 6.62 21.09
C ARG A 72 0.91 6.81 21.73
N LEU A 73 -0.12 6.15 21.18
CA LEU A 73 -1.45 6.20 21.78
C LEU A 73 -1.42 5.71 23.22
N ARG A 74 -0.78 4.57 23.45
CA ARG A 74 -0.75 4.01 24.80
C ARG A 74 0.02 4.91 25.75
N ARG A 75 1.14 5.49 25.28
CA ARG A 75 1.91 6.39 26.14
C ARG A 75 1.10 7.61 26.53
N PHE A 76 0.41 8.23 25.57
CA PHE A 76 -0.38 9.42 25.89
C PHE A 76 -1.57 9.07 26.77
N ARG A 77 -2.16 7.89 26.56
CA ARG A 77 -3.26 7.45 27.43
C ARG A 77 -2.79 7.30 28.87
N ARG A 78 -1.61 6.70 29.06
CA ARG A 78 -1.06 6.58 30.41
C ARG A 78 -0.81 7.94 31.03
N ALA A 79 -0.25 8.87 30.24
CA ALA A 79 0.02 10.21 30.76
C ALA A 79 -1.26 10.92 31.19
N ARG A 80 -2.30 10.87 30.35
CA ARG A 80 -3.53 11.57 30.68
C ARG A 80 -4.28 10.89 31.82
N LEU A 81 -4.18 9.57 31.95
CA LEU A 81 -4.80 8.89 33.07
C LEU A 81 -4.09 9.23 34.38
N ARG A 82 -2.76 9.36 34.34
CA ARG A 82 -2.03 9.83 35.52
C ARG A 82 -2.43 11.25 35.89
N ASP A 83 -2.63 12.11 34.89
CA ASP A 83 -3.08 13.47 35.16
C ASP A 83 -4.47 13.47 35.80
N LEU A 84 -5.36 12.60 35.31
CA LEU A 84 -6.68 12.49 35.94
C LEU A 84 -6.57 11.97 37.37
N ASP A 85 -5.66 11.03 37.63
CA ASP A 85 -5.46 10.55 38.98
C ASP A 85 -4.99 11.67 39.91
N MET A 86 -4.09 12.53 39.42
CA MET A 86 -3.67 13.68 40.20
C MET A 86 -4.85 14.64 40.45
N LEU A 87 -5.67 14.86 39.43
CA LEU A 87 -6.84 15.72 39.61
C LEU A 87 -7.79 15.17 40.65
N LEU A 88 -8.03 13.85 40.61
CA LEU A 88 -8.92 13.22 41.59
C LEU A 88 -8.32 13.26 42.98
N SER A 89 -7.00 13.17 43.09
CA SER A 89 -6.35 13.38 44.38
C SER A 89 -6.58 14.79 44.89
N GLU A 90 -6.55 15.78 43.99
CA GLU A 90 -6.77 17.15 44.41
C GLU A 90 -8.22 17.39 44.82
N LEU A 91 -9.17 16.77 44.13
CA LEU A 91 -10.58 16.91 44.48
C LEU A 91 -11.00 15.99 45.62
N GLY A 92 -10.11 15.15 46.12
CA GLY A 92 -10.46 14.27 47.22
C GLY A 92 -11.34 13.10 46.83
N TRP A 93 -11.32 12.71 45.56
CA TRP A 93 -12.09 11.58 45.07
C TRP A 93 -11.16 10.39 44.89
N THR A 94 -11.52 9.26 45.48
CA THR A 94 -10.71 8.05 45.37
C THR A 94 -11.02 7.33 44.08
N PRO A 95 -10.03 7.02 43.24
CA PRO A 95 -10.31 6.35 41.97
C PRO A 95 -10.67 4.88 42.14
N LEU A 96 -10.95 4.21 41.04
CA LEU A 96 -11.29 2.79 41.09
C LEU A 96 -10.04 1.98 41.41
N PRO A 97 -10.05 1.15 42.45
CA PRO A 97 -8.88 0.34 42.77
C PRO A 97 -8.70 -0.80 41.78
N ASP A 98 -7.47 -1.32 41.74
CA ASP A 98 -7.14 -2.37 40.78
C ASP A 98 -7.86 -3.67 41.10
N LYS A 99 -7.79 -4.11 42.35
CA LYS A 99 -8.28 -5.42 42.76
C LYS A 99 -9.19 -5.28 43.98
N ASN A 100 -9.75 -6.43 44.40
CA ASN A 100 -10.63 -6.51 45.56
C ASN A 100 -11.85 -5.62 45.43
N VAL A 101 -12.34 -5.46 44.21
CA VAL A 101 -13.47 -4.60 43.92
C VAL A 101 -14.49 -5.41 43.12
N SER A 102 -15.76 -5.24 43.44
CA SER A 102 -16.80 -5.85 42.64
C SER A 102 -16.70 -5.36 41.20
N PRO A 103 -16.84 -6.25 40.21
CA PRO A 103 -16.72 -5.82 38.81
C PRO A 103 -17.77 -4.82 38.39
N VAL A 104 -18.94 -4.84 39.02
CA VAL A 104 -20.05 -3.98 38.63
C VAL A 104 -20.04 -2.70 39.45
N ASP A 105 -19.01 -2.50 40.26
CA ASP A 105 -18.97 -1.33 41.14
C ASP A 105 -18.89 -0.04 40.34
N ALA A 106 -18.12 -0.02 39.26
CA ALA A 106 -18.04 1.18 38.43
C ALA A 106 -19.37 1.47 37.76
N TRP A 107 -20.01 0.44 37.20
CA TRP A 107 -21.29 0.65 36.54
C TRP A 107 -22.39 0.98 37.54
N LEU A 108 -22.39 0.31 38.69
CA LEU A 108 -23.37 0.63 39.73
C LEU A 108 -23.17 2.06 40.23
N ALA A 109 -21.92 2.47 40.40
CA ALA A 109 -21.63 3.84 40.81
C ALA A 109 -22.14 4.85 39.79
N ARG A 110 -21.88 4.58 38.50
CA ARG A 110 -22.36 5.50 37.46
C ARG A 110 -23.88 5.56 37.43
N LYS A 111 -24.55 4.41 37.56
CA LYS A 111 -26.00 4.39 37.58
C LYS A 111 -26.57 5.16 38.76
N ARG A 112 -26.06 4.88 39.96
CA ARG A 112 -26.57 5.55 41.16
C ARG A 112 -26.30 7.05 41.12
N LEU A 113 -25.10 7.45 40.67
CA LEU A 113 -24.80 8.87 40.57
C LEU A 113 -25.67 9.55 39.54
N ALA A 114 -25.95 8.88 38.42
CA ALA A 114 -26.71 9.51 37.36
C ALA A 114 -28.21 9.50 37.60
N GLU A 115 -28.72 8.72 38.56
CA GLU A 115 -30.15 8.77 38.87
C GLU A 115 -30.49 9.33 40.23
N GLU A 116 -29.57 9.30 41.20
CA GLU A 116 -29.87 9.72 42.56
C GLU A 116 -28.73 10.54 43.13
N TYR A 117 -29.06 11.38 44.10
CA TYR A 117 -28.09 12.28 44.73
C TYR A 117 -27.56 11.65 46.01
N VAL A 118 -26.26 11.35 46.02
CA VAL A 118 -25.62 10.79 47.20
C VAL A 118 -25.60 11.84 48.31
N VAL A 119 -25.93 11.42 49.53
CA VAL A 119 -26.00 12.32 50.66
C VAL A 119 -24.73 12.26 51.52
N ASP A 120 -24.14 11.08 51.67
CA ASP A 120 -22.91 10.94 52.45
C ASP A 120 -21.75 11.54 51.66
N GLU A 121 -20.97 12.40 52.32
CA GLU A 121 -19.92 13.12 51.62
C GLU A 121 -18.81 12.19 51.14
N THR A 122 -18.28 11.35 52.03
CA THR A 122 -17.20 10.45 51.63
C THR A 122 -17.69 9.40 50.65
N GLU A 123 -18.93 8.92 50.80
CA GLU A 123 -19.49 7.99 49.83
C GLU A 123 -19.67 8.66 48.48
N ARG A 124 -20.12 9.91 48.47
CA ARG A 124 -20.26 10.64 47.22
C ARG A 124 -18.91 10.81 46.53
N ARG A 125 -17.87 11.18 47.29
CA ARG A 125 -16.55 11.34 46.69
C ARG A 125 -16.01 10.02 46.16
N ARG A 126 -16.21 8.93 46.91
CA ARG A 126 -15.72 7.62 46.45
C ARG A 126 -16.42 7.19 45.17
N LEU A 127 -17.75 7.32 45.13
CA LEU A 127 -18.49 6.92 43.93
C LEU A 127 -18.15 7.83 42.75
N LEU A 128 -17.95 9.13 43.00
CA LEU A 128 -17.57 10.05 41.94
C LEU A 128 -16.20 9.68 41.37
N GLY A 129 -15.25 9.34 42.24
CA GLY A 129 -13.95 8.90 41.76
C GLY A 129 -14.05 7.63 40.93
N TYR A 130 -14.85 6.67 41.39
CA TYR A 130 -15.07 5.44 40.62
C TYR A 130 -15.63 5.76 39.23
N ALA A 131 -16.68 6.58 39.19
CA ALA A 131 -17.33 6.89 37.92
C ALA A 131 -16.40 7.66 37.00
N VAL A 132 -15.65 8.63 37.52
CA VAL A 132 -14.76 9.44 36.68
C VAL A 132 -13.64 8.57 36.12
N SER A 133 -13.07 7.68 36.94
CA SER A 133 -12.04 6.79 36.43
C SER A 133 -12.58 5.87 35.34
N HIS A 134 -13.77 5.32 35.55
CA HIS A 134 -14.31 4.41 34.53
C HIS A 134 -14.70 5.16 33.25
N MET A 135 -15.12 6.43 33.37
CA MET A 135 -15.39 7.21 32.16
C MET A 135 -14.10 7.52 31.41
N ALA A 136 -13.04 7.87 32.14
CA ALA A 136 -11.79 8.19 31.46
C ALA A 136 -11.12 6.98 30.87
N ARG A 137 -11.39 5.77 31.39
CA ARG A 137 -10.84 4.57 30.78
C ARG A 137 -11.61 4.14 29.54
N HIS A 138 -12.86 4.57 29.39
CA HIS A 138 -13.73 4.14 28.29
C HIS A 138 -14.47 5.34 27.69
N ARG A 139 -13.72 6.39 27.35
CA ARG A 139 -14.35 7.67 27.01
C ARG A 139 -15.08 7.66 25.67
N GLY A 140 -14.84 6.67 24.82
CA GLY A 140 -15.52 6.62 23.54
C GLY A 140 -14.79 7.36 22.43
N TRP A 141 -15.43 7.40 21.27
CA TRP A 141 -14.81 7.91 20.05
C TRP A 141 -15.18 9.37 19.81
N ARG A 142 -14.28 10.09 19.16
CA ARG A 142 -14.50 11.48 18.78
C ARG A 142 -13.59 11.81 17.62
N ASN A 143 -14.07 12.68 16.73
CA ASN A 143 -13.24 13.19 15.64
C ASN A 143 -12.02 13.89 16.24
N PRO A 144 -10.80 13.48 15.89
CA PRO A 144 -9.62 14.01 16.59
C PRO A 144 -9.39 15.50 16.39
N TRP A 145 -9.76 16.03 15.23
CA TRP A 145 -9.57 17.45 14.96
C TRP A 145 -10.43 18.33 15.86
N THR A 146 -11.55 17.81 16.34
CA THR A 146 -12.47 18.60 17.14
C THR A 146 -11.86 18.92 18.49
N THR A 147 -11.90 20.19 18.86
CA THR A 147 -11.47 20.65 20.17
C THR A 147 -12.52 20.25 21.21
N ILE A 148 -12.11 20.29 22.49
CA ILE A 148 -13.03 19.95 23.57
C ILE A 148 -14.27 20.84 23.53
N LYS A 149 -14.09 22.13 23.20
CA LYS A 149 -15.24 23.01 23.03
C LYS A 149 -16.13 22.52 21.90
N ASP A 150 -15.53 22.16 20.76
CA ASP A 150 -16.31 21.63 19.64
C ASP A 150 -16.97 20.31 20.00
N LEU A 151 -16.34 19.52 20.87
CA LEU A 151 -16.98 18.32 21.39
C LEU A 151 -18.20 18.68 22.22
N LYS A 152 -18.10 19.73 23.04
CA LYS A 152 -19.21 20.15 23.88
C LYS A 152 -20.36 20.72 23.06
N ASN A 153 -20.07 21.32 21.90
CA ASN A 153 -21.13 21.88 21.08
C ASN A 153 -22.01 20.81 20.44
N LEU A 154 -21.57 19.55 20.44
CA LEU A 154 -22.34 18.50 19.81
C LEU A 154 -23.65 18.27 20.54
N PRO A 155 -24.70 17.82 19.83
CA PRO A 155 -25.97 17.51 20.50
C PRO A 155 -25.80 16.45 21.58
N GLN A 156 -26.57 16.59 22.65
CA GLN A 156 -26.40 15.77 23.84
C GLN A 156 -27.76 15.19 24.20
N PRO A 157 -27.96 13.87 24.13
CA PRO A 157 -27.03 12.83 23.67
C PRO A 157 -27.01 12.70 22.15
N SER A 158 -26.06 11.95 21.62
CA SER A 158 -25.90 11.82 20.18
C SER A 158 -27.02 10.97 19.58
N ASP A 159 -27.15 11.07 18.25
CA ASP A 159 -28.19 10.32 17.54
C ASP A 159 -27.96 8.81 17.65
N SER A 160 -26.69 8.39 17.61
CA SER A 160 -26.36 6.98 17.71
C SER A 160 -26.83 6.39 19.04
N TRP A 161 -26.51 7.08 20.14
CA TRP A 161 -26.96 6.60 21.44
C TRP A 161 -28.46 6.72 21.58
N GLU A 162 -29.08 7.70 20.91
CA GLU A 162 -30.53 7.81 20.93
C GLU A 162 -31.19 6.59 20.28
N ARG A 163 -30.67 6.17 19.13
CA ARG A 163 -31.26 5.02 18.47
C ARG A 163 -30.95 3.73 19.24
N THR A 164 -29.77 3.66 19.86
CA THR A 164 -29.49 2.53 20.74
C THR A 164 -30.47 2.49 21.91
N ARG A 165 -30.79 3.66 22.47
CA ARG A 165 -31.78 3.75 23.54
C ARG A 165 -33.14 3.26 23.07
N GLU A 166 -33.58 3.71 21.89
CA GLU A 166 -34.90 3.30 21.41
C GLU A 166 -34.95 1.80 21.15
N SER A 167 -33.89 1.23 20.57
CA SER A 167 -33.85 -0.21 20.34
C SER A 167 -33.87 -0.97 21.66
N LEU A 168 -33.09 -0.53 22.66
CA LEU A 168 -33.06 -1.24 23.92
C LEU A 168 -34.36 -1.06 24.71
N GLU A 169 -35.07 0.06 24.52
CA GLU A 169 -36.38 0.23 25.11
C GLU A 169 -37.38 -0.72 24.48
N ALA A 170 -37.36 -0.83 23.16
CA ALA A 170 -38.25 -1.77 22.48
C ALA A 170 -37.89 -3.22 22.81
N ARG A 171 -36.65 -3.48 23.23
CA ARG A 171 -36.22 -4.84 23.50
C ARG A 171 -36.45 -5.27 24.94
N TYR A 172 -35.92 -4.53 25.92
CA TYR A 172 -36.05 -4.90 27.32
C TYR A 172 -37.31 -4.36 27.98
N SER A 173 -38.08 -3.51 27.29
CA SER A 173 -39.36 -2.98 27.79
C SER A 173 -39.18 -2.28 29.14
N VAL A 174 -38.10 -1.51 29.29
CA VAL A 174 -37.85 -0.74 30.50
C VAL A 174 -37.40 0.66 30.11
N SER A 175 -37.49 1.58 31.07
CA SER A 175 -37.08 2.96 30.88
C SER A 175 -36.47 3.49 32.16
N LEU A 176 -35.35 4.20 32.04
CA LEU A 176 -34.70 4.84 33.17
C LEU A 176 -34.25 6.24 32.77
N GLU A 177 -34.68 7.24 33.54
CA GLU A 177 -34.32 8.63 33.31
C GLU A 177 -33.13 9.01 34.18
N PRO A 178 -32.06 9.58 33.61
CA PRO A 178 -31.82 9.82 32.19
C PRO A 178 -31.29 8.56 31.51
N GLY A 179 -31.48 8.42 30.20
CA GLY A 179 -31.02 7.24 29.51
C GLY A 179 -29.54 7.27 29.18
N THR A 180 -28.70 7.09 30.19
CA THR A 180 -27.26 7.09 29.99
C THR A 180 -26.76 5.68 29.76
N VAL A 181 -25.57 5.58 29.17
CA VAL A 181 -24.99 4.27 28.90
C VAL A 181 -24.60 3.56 30.19
N GLY A 182 -24.10 4.31 31.17
CA GLY A 182 -23.68 3.70 32.43
C GLY A 182 -24.84 3.09 33.20
N GLN A 183 -25.96 3.83 33.28
CA GLN A 183 -27.14 3.34 33.98
C GLN A 183 -27.62 2.03 33.38
N TRP A 184 -27.80 2.00 32.06
CA TRP A 184 -28.46 0.85 31.46
C TRP A 184 -27.51 -0.34 31.41
N ALA A 185 -26.21 -0.08 31.20
CA ALA A 185 -25.24 -1.17 31.25
C ALA A 185 -25.10 -1.74 32.65
N GLY A 186 -25.13 -0.90 33.69
CA GLY A 186 -25.09 -1.42 35.04
C GLY A 186 -26.32 -2.22 35.39
N TYR A 187 -27.49 -1.74 34.98
CA TYR A 187 -28.72 -2.50 35.23
C TYR A 187 -28.72 -3.82 34.47
N LEU A 188 -28.13 -3.83 33.27
CA LEU A 188 -27.96 -5.08 32.52
C LEU A 188 -27.03 -6.04 33.25
N LEU A 189 -25.90 -5.53 33.75
CA LEU A 189 -24.94 -6.39 34.43
C LEU A 189 -25.52 -6.93 35.73
N GLN A 190 -26.39 -6.16 36.39
CA GLN A 190 -27.09 -6.69 37.55
C GLN A 190 -28.10 -7.76 37.16
N ARG A 191 -28.90 -7.50 36.13
CA ARG A 191 -30.02 -8.38 35.83
C ARG A 191 -29.56 -9.61 35.04
N ALA A 192 -28.87 -9.39 33.91
CA ALA A 192 -28.44 -10.48 33.02
C ALA A 192 -26.92 -10.43 32.89
N PRO A 193 -26.20 -11.15 33.74
CA PRO A 193 -24.74 -11.20 33.60
C PRO A 193 -24.34 -12.01 32.38
N GLY A 194 -23.09 -11.82 31.96
CA GLY A 194 -22.59 -12.47 30.78
C GLY A 194 -22.92 -11.77 29.48
N ILE A 195 -23.50 -10.58 29.52
CA ILE A 195 -23.89 -9.88 28.31
C ILE A 195 -22.68 -9.15 27.72
N ARG A 196 -22.68 -9.00 26.40
CA ARG A 196 -21.66 -8.24 25.69
C ARG A 196 -22.17 -6.81 25.51
N LEU A 197 -21.40 -5.84 25.99
CA LEU A 197 -21.79 -4.45 25.81
C LEU A 197 -21.56 -3.99 24.38
N ASN A 198 -20.45 -4.39 23.78
CA ASN A 198 -20.14 -4.05 22.40
C ASN A 198 -19.76 -5.31 21.64
N PRO A 199 -20.12 -5.38 20.36
CA PRO A 199 -19.97 -6.64 19.62
C PRO A 199 -18.52 -6.97 19.29
N THR A 200 -18.31 -8.21 18.88
CA THR A 200 -17.04 -8.71 18.41
C THR A 200 -17.23 -9.27 17.01
N GLN A 201 -16.24 -9.03 16.14
CA GLN A 201 -16.35 -9.43 14.74
C GLN A 201 -16.49 -10.94 14.60
N GLN A 202 -15.68 -11.70 15.33
CA GLN A 202 -15.69 -13.15 15.25
C GLN A 202 -16.31 -13.76 16.50
N SER A 203 -16.88 -14.95 16.33
CA SER A 203 -17.51 -15.68 17.43
C SER A 203 -16.47 -16.13 18.46
N LEU A 210 -25.07 -20.82 18.53
CA LEU A 210 -24.38 -19.58 18.86
C LEU A 210 -25.08 -18.38 18.24
N SER A 211 -26.01 -17.80 18.98
CA SER A 211 -26.76 -16.63 18.51
C SER A 211 -27.22 -15.84 19.72
N ASN A 212 -26.56 -14.72 20.01
CA ASN A 212 -26.92 -13.87 21.12
C ASN A 212 -26.90 -12.41 20.65
N ALA A 213 -27.74 -11.59 21.27
CA ALA A 213 -27.88 -10.19 20.92
C ALA A 213 -27.24 -9.34 22.01
N THR A 214 -26.31 -8.47 21.61
CA THR A 214 -25.51 -7.70 22.55
C THR A 214 -26.30 -6.49 23.06
N ALA A 215 -25.63 -5.69 23.89
CA ALA A 215 -26.30 -4.52 24.48
C ALA A 215 -26.31 -3.35 23.50
N PHE A 216 -25.13 -2.85 23.12
CA PHE A 216 -25.01 -1.72 22.22
C PHE A 216 -24.41 -2.19 20.90
N GLU A 217 -25.12 -1.92 19.81
CA GLU A 217 -24.72 -2.37 18.48
C GLU A 217 -23.83 -1.37 17.76
N THR A 218 -23.98 -0.07 18.04
CA THR A 218 -23.20 0.97 17.39
C THR A 218 -22.20 1.51 18.41
N ARG A 219 -20.98 1.78 17.93
CA ARG A 219 -19.91 2.28 18.79
C ARG A 219 -20.32 3.58 19.48
N LEU A 220 -20.08 3.66 20.78
CA LEU A 220 -20.46 4.84 21.54
C LEU A 220 -19.41 5.94 21.38
N ARG A 221 -19.87 7.18 21.34
CA ARG A 221 -19.05 8.33 21.04
C ARG A 221 -18.67 9.07 22.32
N GLN A 222 -17.68 9.96 22.20
CA GLN A 222 -17.21 10.70 23.38
C GLN A 222 -18.27 11.65 23.92
N GLU A 223 -19.18 12.12 23.07
CA GLU A 223 -20.20 13.05 23.54
C GLU A 223 -21.22 12.36 24.44
N ASP A 224 -21.46 11.07 24.25
CA ASP A 224 -22.34 10.35 25.16
C ASP A 224 -21.73 10.27 26.56
N VAL A 225 -20.42 9.98 26.64
CA VAL A 225 -19.73 9.97 27.92
C VAL A 225 -19.72 11.36 28.54
N LEU A 226 -19.52 12.39 27.71
CA LEU A 226 -19.57 13.77 28.22
C LEU A 226 -20.95 14.10 28.77
N TRP A 227 -22.00 13.67 28.07
CA TRP A 227 -23.36 13.92 28.51
C TRP A 227 -23.66 13.22 29.83
N GLU A 228 -23.21 11.98 29.98
CA GLU A 228 -23.43 11.27 31.23
C GLU A 228 -22.66 11.91 32.37
N LEU A 229 -21.42 12.36 32.10
CA LEU A 229 -20.65 13.06 33.11
C LEU A 229 -21.34 14.36 33.52
N ARG A 230 -21.89 15.09 32.55
CA ARG A 230 -22.61 16.33 32.84
C ARG A 230 -23.85 16.04 33.67
N CYS A 231 -24.60 14.99 33.34
CA CYS A 231 -25.78 14.63 34.12
C CYS A 231 -25.39 14.25 35.55
N ILE A 232 -24.32 13.47 35.70
CA ILE A 232 -23.87 13.07 37.02
C ILE A 232 -23.49 14.30 37.84
N ALA A 233 -22.73 15.22 37.25
CA ALA A 233 -22.29 16.39 37.99
C ALA A 233 -23.44 17.33 38.30
N ASP A 234 -24.44 17.40 37.41
CA ASP A 234 -25.56 18.30 37.63
C ASP A 234 -26.48 17.78 38.74
N VAL A 235 -26.81 16.47 38.72
CA VAL A 235 -27.74 15.96 39.71
C VAL A 235 -27.06 15.81 41.08
N GLN A 236 -25.73 15.79 41.11
CA GLN A 236 -25.01 15.83 42.38
C GLN A 236 -24.72 17.25 42.85
N GLY A 237 -25.11 18.26 42.08
CA GLY A 237 -24.88 19.64 42.47
C GLY A 237 -23.43 20.05 42.54
N LEU A 238 -22.62 19.57 41.61
CA LEU A 238 -21.22 19.95 41.55
C LEU A 238 -21.06 21.35 40.96
N PRO A 239 -20.12 22.14 41.46
CA PRO A 239 -19.85 23.45 40.86
C PRO A 239 -19.30 23.32 39.45
N GLU A 240 -19.62 24.30 38.60
CA GLU A 240 -19.27 24.21 37.20
C GLU A 240 -17.76 24.23 36.97
N ASP A 241 -16.98 24.75 37.91
CA ASP A 241 -15.54 24.79 37.76
C ASP A 241 -14.94 23.39 37.77
N VAL A 242 -15.31 22.58 38.76
CA VAL A 242 -14.77 21.22 38.79
C VAL A 242 -15.36 20.38 37.66
N VAL A 243 -16.57 20.71 37.21
CA VAL A 243 -17.14 20.04 36.03
C VAL A 243 -16.27 20.30 34.81
N SER A 244 -15.88 21.57 34.60
CA SER A 244 -15.00 21.90 33.48
C SER A 244 -13.64 21.23 33.65
N ASN A 245 -13.13 21.18 34.87
CA ASN A 245 -11.82 20.59 35.12
C ASN A 245 -11.83 19.09 34.80
N VAL A 246 -12.86 18.37 35.25
CA VAL A 246 -12.90 16.94 34.98
C VAL A 246 -13.23 16.67 33.52
N ILE A 247 -13.98 17.55 32.86
CA ILE A 247 -14.19 17.39 31.42
C ILE A 247 -12.89 17.55 30.66
N ASP A 248 -12.08 18.55 31.03
CA ASP A 248 -10.80 18.75 30.38
C ASP A 248 -9.85 17.60 30.65
N ALA A 249 -9.84 17.07 31.87
CA ALA A 249 -8.88 16.02 32.21
C ALA A 249 -9.29 14.66 31.65
N VAL A 250 -10.59 14.36 31.64
CA VAL A 250 -11.05 13.06 31.14
C VAL A 250 -10.85 12.96 29.64
N PHE A 251 -11.27 13.99 28.91
CA PHE A 251 -11.26 13.97 27.44
C PHE A 251 -10.01 14.61 26.85
N CYS A 252 -8.90 14.58 27.59
CA CYS A 252 -7.65 15.10 27.06
C CYS A 252 -7.21 14.29 25.85
N GLN A 253 -6.77 14.99 24.80
CA GLN A 253 -6.42 14.35 23.55
C GLN A 253 -5.38 15.21 22.84
N LYS A 254 -4.30 14.57 22.39
CA LYS A 254 -3.26 15.29 21.67
C LYS A 254 -3.77 15.75 20.31
N ARG A 255 -3.29 16.90 19.88
CA ARG A 255 -3.77 17.51 18.64
C ARG A 255 -3.14 16.81 17.44
N PRO A 256 -3.93 16.43 16.44
CA PRO A 256 -3.36 15.84 15.22
C PRO A 256 -2.45 16.84 14.51
N SER A 257 -1.16 16.49 14.42
CA SER A 257 -0.15 17.41 13.91
C SER A 257 0.70 16.72 12.87
N VAL A 258 0.85 17.36 11.72
CA VAL A 258 1.76 16.88 10.67
C VAL A 258 3.18 17.25 11.08
N PRO A 259 4.08 16.28 11.23
CA PRO A 259 5.41 16.59 11.73
C PRO A 259 6.26 17.32 10.70
N ALA A 260 7.34 17.93 11.20
CA ALA A 260 8.34 18.51 10.32
C ALA A 260 9.13 17.40 9.63
N GLU A 261 9.99 17.81 8.69
CA GLU A 261 10.72 16.89 7.81
C GLU A 261 9.76 16.01 7.02
N ARG A 262 8.56 16.51 6.74
CA ARG A 262 7.59 15.82 5.92
C ARG A 262 7.10 16.75 4.82
N ILE A 263 7.07 18.04 5.11
CA ILE A 263 6.72 19.04 4.11
C ILE A 263 7.95 19.33 3.26
N GLY A 264 7.80 19.26 1.95
CA GLY A 264 8.93 19.45 1.06
C GLY A 264 9.49 20.86 1.11
N ARG A 265 10.80 20.95 0.99
CA ARG A 265 11.47 22.25 0.92
C ARG A 265 11.13 22.93 -0.40
N ASP A 266 11.16 24.26 -0.38
CA ASP A 266 10.90 25.03 -1.60
C ASP A 266 12.03 24.83 -2.59
N PRO A 267 11.73 24.51 -3.86
CA PRO A 267 12.82 24.34 -4.84
C PRO A 267 13.61 25.61 -5.09
N LEU A 268 12.98 26.78 -5.01
CA LEU A 268 13.70 28.03 -5.20
C LEU A 268 14.59 28.34 -4.01
N ASP A 269 14.05 28.18 -2.79
CA ASP A 269 14.78 28.43 -1.55
C ASP A 269 14.67 27.19 -0.68
N PRO A 270 15.61 26.25 -0.79
CA PRO A 270 15.52 25.01 -0.02
C PRO A 270 15.58 25.22 1.49
N SER A 271 16.24 26.28 1.95
CA SER A 271 16.34 26.52 3.38
C SER A 271 14.99 26.88 4.00
N GLN A 272 14.12 27.54 3.24
CA GLN A 272 12.83 27.99 3.73
C GLN A 272 11.75 26.99 3.33
N LEU A 273 10.96 26.55 4.31
CA LEU A 273 9.91 25.56 4.06
C LEU A 273 8.74 26.22 3.33
N ARG A 274 7.98 25.39 2.63
CA ARG A 274 6.94 25.87 1.73
C ARG A 274 5.81 26.58 2.49
N ALA A 275 4.90 27.19 1.74
CA ALA A 275 3.81 27.97 2.31
C ALA A 275 2.47 27.48 1.78
N SER A 276 1.44 27.66 2.59
CA SER A 276 0.10 27.17 2.28
C SER A 276 -0.58 28.08 1.26
N ARG A 277 -1.80 27.68 0.87
CA ARG A 277 -2.60 28.51 -0.03
C ARG A 277 -3.16 29.73 0.69
N ALA A 278 -3.48 29.58 1.98
CA ALA A 278 -4.15 30.64 2.73
C ALA A 278 -3.27 31.86 2.95
N CYS A 279 -1.98 31.78 2.66
CA CYS A 279 -1.11 32.94 2.76
C CYS A 279 -1.61 34.06 1.86
N LEU A 280 -1.64 35.28 2.39
CA LEU A 280 -2.09 36.42 1.61
C LEU A 280 -1.15 36.70 0.44
N GLU A 281 0.12 36.34 0.57
CA GLU A 281 1.06 36.45 -0.53
C GLU A 281 0.59 35.64 -1.73
N PHE A 282 0.23 34.37 -1.50
CA PHE A 282 -0.26 33.55 -2.60
C PHE A 282 -1.62 34.05 -3.08
N GLN A 283 -2.44 34.59 -2.17
CA GLN A 283 -3.74 35.10 -2.57
C GLN A 283 -3.60 36.22 -3.60
N GLU A 284 -2.78 37.23 -3.28
CA GLU A 284 -2.60 38.31 -4.24
C GLU A 284 -1.75 37.89 -5.43
N TYR A 285 -0.89 36.86 -5.26
CA TYR A 285 -0.16 36.31 -6.41
C TYR A 285 -1.12 35.68 -7.42
N ARG A 286 -2.08 34.90 -6.93
CA ARG A 286 -3.09 34.31 -7.80
C ARG A 286 -4.00 35.38 -8.38
N ILE A 287 -4.25 36.45 -7.63
CA ILE A 287 -5.02 37.57 -8.18
C ILE A 287 -4.29 38.19 -9.36
N VAL A 288 -3.00 38.49 -9.19
CA VAL A 288 -2.22 39.07 -10.27
C VAL A 288 -2.10 38.12 -11.45
N ALA A 289 -1.99 36.82 -11.18
CA ALA A 289 -1.92 35.84 -12.26
C ALA A 289 -3.23 35.81 -13.06
N ALA A 290 -4.37 35.83 -12.36
CA ALA A 290 -5.66 35.82 -13.05
C ALA A 290 -5.86 37.10 -13.85
N VAL A 291 -5.36 38.23 -13.34
CA VAL A 291 -5.43 39.48 -14.09
C VAL A 291 -4.56 39.41 -15.33
N ALA A 292 -3.31 38.94 -15.18
CA ALA A 292 -2.34 39.01 -16.26
C ALA A 292 -2.57 37.98 -17.36
N ASN A 293 -3.20 36.84 -17.03
CA ASN A 293 -3.44 35.81 -18.03
C ASN A 293 -4.46 36.22 -19.07
N LEU A 294 -5.19 37.31 -18.85
CA LEU A 294 -6.19 37.79 -19.80
C LEU A 294 -5.50 38.55 -20.92
N ARG A 295 -5.45 37.95 -22.11
CA ARG A 295 -4.85 38.58 -23.29
C ARG A 295 -5.88 39.53 -23.89
N ILE A 296 -5.75 40.82 -23.58
CA ILE A 296 -6.64 41.81 -24.14
C ILE A 296 -6.25 42.08 -25.59
N ARG A 297 -7.23 41.99 -26.49
CA ARG A 297 -6.97 42.26 -27.90
C ARG A 297 -6.62 43.73 -28.09
N ASP A 298 -5.59 43.99 -28.89
CA ASP A 298 -5.13 45.34 -29.14
C ASP A 298 -4.45 45.39 -30.50
N GLY A 299 -5.02 46.15 -31.42
CA GLY A 299 -4.44 46.28 -32.76
C GLY A 299 -4.43 45.01 -33.55
N SER A 300 -5.53 44.24 -33.49
CA SER A 300 -5.64 42.94 -34.16
C SER A 300 -4.53 41.99 -33.72
N GLY A 301 -4.20 42.02 -32.43
CA GLY A 301 -3.18 41.15 -31.89
C GLY A 301 -3.39 40.93 -30.40
N SER A 302 -2.61 40.00 -29.87
CA SER A 302 -2.68 39.67 -28.44
C SER A 302 -1.69 40.49 -27.62
N ARG A 303 -1.78 41.81 -27.74
CA ARG A 303 -0.87 42.69 -27.01
C ARG A 303 -1.21 42.66 -25.52
N PRO A 304 -0.21 42.83 -24.65
CA PRO A 304 -0.49 42.89 -23.21
C PRO A 304 -1.28 44.13 -22.84
N LEU A 305 -2.09 44.00 -21.78
CA LEU A 305 -2.85 45.12 -21.27
C LEU A 305 -1.92 46.16 -20.66
N SER A 306 -2.41 47.39 -20.57
CA SER A 306 -1.60 48.49 -20.07
C SER A 306 -1.35 48.35 -18.57
N LEU A 307 -0.31 49.04 -18.09
CA LEU A 307 0.05 48.96 -16.69
C LEU A 307 -1.03 49.56 -15.80
N GLU A 308 -1.67 50.63 -16.26
CA GLU A 308 -2.76 51.25 -15.49
C GLU A 308 -3.92 50.29 -15.33
N GLU A 309 -4.35 49.67 -16.44
CA GLU A 309 -5.43 48.69 -16.38
C GLU A 309 -5.03 47.46 -15.57
N ARG A 310 -3.78 47.01 -15.71
CA ARG A 310 -3.31 45.85 -14.98
C ARG A 310 -3.35 46.12 -13.47
N ASN A 311 -2.86 47.28 -13.06
CA ASN A 311 -2.90 47.63 -11.64
C ASN A 311 -4.34 47.79 -11.15
N ALA A 312 -5.21 48.36 -11.98
CA ALA A 312 -6.61 48.54 -11.59
C ALA A 312 -7.29 47.21 -11.35
N VAL A 313 -7.11 46.25 -12.26
CA VAL A 313 -7.76 44.95 -12.09
C VAL A 313 -7.07 44.14 -10.99
N ILE A 314 -5.77 44.35 -10.75
CA ILE A 314 -5.09 43.67 -9.66
C ILE A 314 -5.64 44.14 -8.32
N GLU A 315 -5.80 45.45 -8.15
CA GLU A 315 -6.33 45.98 -6.90
C GLU A 315 -7.81 45.65 -6.73
N ALA A 316 -8.53 45.47 -7.84
CA ALA A 316 -9.98 45.29 -7.78
C ALA A 316 -10.39 43.96 -7.16
N LEU A 317 -9.47 43.00 -7.03
CA LEU A 317 -9.77 41.70 -6.47
C LEU A 317 -9.18 41.50 -5.07
N LEU A 318 -8.94 42.59 -4.35
CA LEU A 318 -8.39 42.52 -3.01
C LEU A 318 -9.25 43.20 -1.95
N ALA A 319 -10.41 43.74 -2.34
CA ALA A 319 -11.26 44.49 -1.42
C ALA A 319 -12.69 43.96 -1.46
N GLN A 320 -12.84 42.63 -1.42
CA GLN A 320 -14.15 42.00 -1.39
C GLN A 320 -14.19 41.00 -0.24
N THR A 321 -15.17 41.16 0.64
CA THR A 321 -15.37 40.25 1.75
C THR A 321 -16.14 38.99 1.36
N GLU A 322 -16.74 38.97 0.18
CA GLU A 322 -17.53 37.84 -0.29
C GLU A 322 -17.12 37.54 -1.72
N ARG A 323 -17.89 36.69 -2.39
CA ARG A 323 -17.69 36.38 -3.81
C ARG A 323 -18.61 37.29 -4.61
N SER A 324 -18.19 38.54 -4.77
CA SER A 324 -19.02 39.57 -5.40
C SER A 324 -18.75 39.67 -6.90
N LEU A 325 -17.51 40.00 -7.27
CA LEU A 325 -17.16 40.13 -8.67
C LEU A 325 -17.05 38.77 -9.34
N THR A 326 -17.37 38.73 -10.63
CA THR A 326 -17.31 37.52 -11.43
C THR A 326 -16.42 37.74 -12.64
N TRP A 327 -16.16 36.67 -13.38
CA TRP A 327 -15.27 36.74 -14.53
C TRP A 327 -15.84 37.62 -15.64
N SER A 328 -17.16 37.53 -15.86
CA SER A 328 -17.80 38.38 -16.86
C SER A 328 -17.82 39.85 -16.45
N ASP A 329 -17.60 40.15 -15.17
CA ASP A 329 -17.61 41.52 -14.66
C ASP A 329 -16.19 42.07 -14.53
N ILE A 330 -15.30 41.71 -15.45
CA ILE A 330 -13.94 42.20 -15.47
C ILE A 330 -13.63 42.97 -16.74
N ALA A 331 -14.03 42.42 -17.90
CA ALA A 331 -13.69 43.04 -19.18
C ALA A 331 -14.46 44.33 -19.42
N LEU A 332 -15.75 44.35 -19.10
CA LEU A 332 -16.60 45.50 -19.36
C LEU A 332 -16.63 46.49 -18.21
N GLU A 333 -15.99 46.19 -17.08
CA GLU A 333 -16.07 47.01 -15.89
C GLU A 333 -14.74 47.66 -15.52
N ILE A 334 -13.68 46.88 -15.34
CA ILE A 334 -12.40 47.42 -14.92
C ILE A 334 -11.34 47.34 -16.01
N LEU A 335 -11.36 46.29 -16.84
CA LEU A 335 -10.43 46.19 -17.95
C LEU A 335 -10.62 47.27 -19.01
N LYS A 336 -11.75 47.97 -18.97
CA LYS A 336 -12.03 49.14 -19.83
C LYS A 336 -12.05 48.76 -21.31
N LEU A 337 -12.97 47.87 -21.65
CA LEU A 337 -13.22 47.47 -23.02
C LEU A 337 -14.71 47.56 -23.33
N PRO A 338 -15.08 47.85 -24.58
CA PRO A 338 -16.49 47.99 -24.94
C PRO A 338 -17.17 46.71 -25.41
N ASN A 339 -16.45 45.59 -25.53
CA ASN A 339 -17.03 44.32 -25.94
C ASN A 339 -16.54 43.21 -25.03
N GLU A 340 -17.42 42.25 -24.73
CA GLU A 340 -17.10 41.14 -23.86
C GLU A 340 -16.54 39.93 -24.61
N SER A 341 -16.49 39.98 -25.94
CA SER A 341 -16.00 38.87 -26.75
C SER A 341 -14.60 39.14 -27.30
N ASP A 342 -13.87 40.03 -26.66
CA ASP A 342 -12.49 40.34 -27.04
C ASP A 342 -11.46 39.64 -26.16
N LEU A 343 -11.90 38.72 -25.30
CA LEU A 343 -11.02 38.11 -24.31
C LEU A 343 -10.71 36.66 -24.70
N THR A 344 -9.43 36.29 -24.62
CA THR A 344 -8.99 34.94 -24.93
C THR A 344 -8.03 34.42 -23.88
N SER A 345 -7.44 33.25 -24.12
CA SER A 345 -6.38 32.67 -23.29
C SER A 345 -6.84 32.44 -21.86
N VAL A 346 -8.11 32.11 -21.69
CA VAL A 346 -8.68 31.85 -20.37
C VAL A 346 -8.41 30.38 -20.02
N PRO A 347 -7.80 30.09 -18.88
CA PRO A 347 -7.63 28.68 -18.47
C PRO A 347 -8.85 28.14 -17.72
N GLU A 348 -9.96 28.03 -18.45
CA GLU A 348 -11.22 27.55 -17.88
C GLU A 348 -11.82 26.51 -18.82
N GLU A 349 -12.95 25.95 -18.39
CA GLU A 349 -13.66 24.94 -19.18
C GLU A 349 -14.47 25.64 -20.26
N ASP A 350 -14.11 25.40 -21.52
CA ASP A 350 -14.81 26.04 -22.63
C ASP A 350 -16.25 25.52 -22.73
N GLY A 351 -17.18 26.45 -22.96
CA GLY A 351 -18.58 26.11 -23.03
C GLY A 351 -19.42 27.21 -23.61
N PRO A 352 -20.62 26.87 -24.08
CA PRO A 352 -21.49 27.87 -24.72
C PRO A 352 -22.12 28.80 -23.70
N SER A 353 -22.72 29.88 -24.22
CA SER A 353 -23.44 30.88 -23.42
C SER A 353 -22.53 31.50 -22.35
N SER A 354 -21.27 31.73 -22.71
CA SER A 354 -20.27 32.32 -21.83
C SER A 354 -20.13 31.52 -20.52
N LEU A 355 -19.78 30.24 -20.69
CA LEU A 355 -19.61 29.37 -19.53
C LEU A 355 -18.38 29.77 -18.71
N ALA A 356 -17.32 30.21 -19.37
CA ALA A 356 -16.09 30.62 -18.68
C ALA A 356 -16.14 32.05 -18.17
N TYR A 357 -17.30 32.70 -18.23
CA TYR A 357 -17.44 34.09 -17.82
C TYR A 357 -18.38 34.30 -16.64
N SER A 358 -19.42 33.48 -16.49
CA SER A 358 -20.38 33.69 -15.41
C SER A 358 -19.80 33.37 -14.05
N GLN A 359 -18.83 32.45 -13.98
CA GLN A 359 -18.28 32.02 -12.71
C GLN A 359 -17.39 33.12 -12.10
N PHE A 360 -17.27 33.09 -10.78
CA PHE A 360 -16.60 34.15 -10.05
C PHE A 360 -15.08 34.07 -10.22
N ALA A 361 -14.46 35.23 -10.38
CA ALA A 361 -13.01 35.34 -10.46
C ALA A 361 -12.38 35.17 -9.07
N PRO A 362 -11.18 34.59 -9.00
CA PRO A 362 -10.52 34.45 -7.70
C PRO A 362 -10.12 35.79 -7.11
N PHE A 363 -10.12 35.85 -5.78
CA PHE A 363 -9.80 37.06 -5.04
C PHE A 363 -8.99 36.67 -3.80
N ASP A 364 -8.84 37.60 -2.88
CA ASP A 364 -8.21 37.34 -1.59
C ASP A 364 -9.21 36.58 -0.73
N GLU A 365 -9.16 35.25 -0.82
CA GLU A 365 -10.14 34.42 -0.14
C GLU A 365 -9.91 34.41 1.37
N THR A 366 -8.65 34.38 1.80
CA THR A 366 -8.35 34.35 3.22
C THR A 366 -8.84 35.62 3.92
N SER A 367 -8.53 36.78 3.34
CA SER A 367 -9.00 38.04 3.91
C SER A 367 -10.52 38.12 3.90
N ALA A 368 -11.15 37.62 2.83
CA ALA A 368 -12.61 37.66 2.73
C ALA A 368 -13.24 36.83 3.85
N ARG A 369 -12.79 35.58 4.02
CA ARG A 369 -13.35 34.73 5.07
C ARG A 369 -13.06 35.30 6.46
N ILE A 370 -11.85 35.82 6.67
CA ILE A 370 -11.48 36.36 7.98
C ILE A 370 -12.36 37.56 8.30
N ALA A 371 -12.55 38.47 7.34
CA ALA A 371 -13.35 39.66 7.58
C ALA A 371 -14.82 39.30 7.75
N GLU A 372 -15.32 38.32 7.01
CA GLU A 372 -16.70 37.87 7.19
C GLU A 372 -16.91 37.34 8.60
N PHE A 373 -16.04 36.44 9.06
CA PHE A 373 -16.20 35.91 10.41
C PHE A 373 -15.97 36.99 11.47
N ILE A 374 -15.09 37.95 11.21
CA ILE A 374 -14.87 39.06 12.14
C ILE A 374 -16.14 39.88 12.28
N ALA A 375 -16.77 40.21 11.15
CA ALA A 375 -18.04 40.93 11.20
C ALA A 375 -19.12 40.12 11.90
N LYS A 376 -19.04 38.79 11.81
CA LYS A 376 -20.00 37.97 12.55
C LYS A 376 -19.71 37.93 14.04
N ASN A 377 -18.44 38.09 14.45
CA ASN A 377 -18.08 38.04 15.87
C ASN A 377 -17.31 39.30 16.29
N ARG A 378 -17.84 40.46 15.90
CA ARG A 378 -17.24 41.73 16.32
C ARG A 378 -17.23 41.86 17.83
N ARG A 379 -18.27 41.37 18.50
CA ARG A 379 -18.36 41.49 19.96
C ARG A 379 -17.34 40.61 20.66
N LYS A 380 -17.09 39.41 20.14
CA LYS A 380 -16.28 38.43 20.87
C LYS A 380 -14.80 38.81 20.87
N ILE A 381 -14.26 39.19 19.72
CA ILE A 381 -12.82 39.45 19.62
C ILE A 381 -12.55 40.81 18.99
N PRO A 382 -12.76 41.91 19.71
CA PRO A 382 -12.41 43.23 19.15
C PRO A 382 -10.90 43.44 19.01
N THR A 383 -10.10 42.79 19.86
CA THR A 383 -8.65 42.92 19.75
C THR A 383 -8.15 42.34 18.43
N PHE A 384 -8.72 41.22 17.99
CA PHE A 384 -8.36 40.68 16.69
C PHE A 384 -8.79 41.62 15.57
N ALA A 385 -9.93 42.29 15.73
CA ALA A 385 -10.34 43.29 14.75
C ALA A 385 -9.32 44.41 14.65
N GLN A 386 -8.83 44.89 15.80
CA GLN A 386 -7.80 45.92 15.81
C GLN A 386 -6.53 45.44 15.11
N TRP A 387 -6.04 44.26 15.51
CA TRP A 387 -4.80 43.72 14.97
C TRP A 387 -4.93 43.24 13.53
N TRP A 388 -6.15 43.13 13.01
CA TRP A 388 -6.38 42.75 11.62
C TRP A 388 -6.62 43.95 10.71
N GLN A 389 -7.22 45.01 11.21
CA GLN A 389 -7.52 46.17 10.38
C GLN A 389 -6.47 47.27 10.47
N GLU A 390 -5.96 47.57 11.66
CA GLU A 390 -5.05 48.70 11.85
C GLU A 390 -3.59 48.27 11.97
N GLN A 391 -3.23 47.12 11.42
CA GLN A 391 -1.86 46.62 11.47
C GLN A 391 -1.33 46.47 10.04
N ASP A 392 0.00 46.56 9.91
CA ASP A 392 0.64 46.58 8.59
C ASP A 392 0.43 45.26 7.87
N ARG A 393 0.48 45.33 6.53
CA ARG A 393 0.07 44.18 5.72
C ARG A 393 1.11 43.07 5.73
N THR A 394 2.40 43.40 5.88
CA THR A 394 3.41 42.33 5.94
C THR A 394 3.30 41.54 7.24
N SER A 395 3.10 42.22 8.36
CA SER A 395 2.85 41.51 9.61
C SER A 395 1.48 40.83 9.59
N ARG A 396 0.53 41.40 8.86
CA ARG A 396 -0.76 40.72 8.70
C ARG A 396 -0.61 39.41 7.93
N SER A 397 0.22 39.41 6.88
CA SER A 397 0.49 38.18 6.16
C SER A 397 1.25 37.18 7.02
N ASP A 398 2.18 37.67 7.83
CA ASP A 398 2.89 36.79 8.76
C ASP A 398 1.93 36.14 9.75
N LEU A 399 1.00 36.92 10.31
CA LEU A 399 0.03 36.37 11.25
C LEU A 399 -0.95 35.43 10.56
N VAL A 400 -1.32 35.72 9.31
CA VAL A 400 -2.17 34.82 8.54
C VAL A 400 -1.46 33.49 8.32
N ALA A 401 -0.18 33.53 7.96
CA ALA A 401 0.59 32.30 7.79
C ALA A 401 0.71 31.54 9.11
N ALA A 402 0.81 32.27 10.23
CA ALA A 402 0.83 31.60 11.53
C ALA A 402 -0.50 30.92 11.82
N LEU A 403 -1.62 31.60 11.54
CA LEU A 403 -2.93 31.01 11.80
C LEU A 403 -3.30 29.94 10.79
N ALA A 404 -2.77 30.02 9.57
CA ALA A 404 -3.12 29.05 8.54
C ALA A 404 -2.51 27.68 8.81
N ASP A 405 -1.32 27.64 9.40
CA ASP A 405 -0.59 26.38 9.51
C ASP A 405 -0.20 26.09 10.96
N ASN A 406 -1.15 26.17 11.88
CA ASN A 406 -0.90 25.85 13.28
C ASN A 406 -1.08 24.37 13.59
N SER A 407 -1.50 23.57 12.62
CA SER A 407 -1.69 22.13 12.82
C SER A 407 -0.45 21.36 12.38
N ILE A 408 0.68 21.72 12.98
CA ILE A 408 1.96 21.09 12.72
C ILE A 408 2.70 20.92 14.05
N ALA A 409 3.34 19.77 14.23
CA ALA A 409 4.05 19.49 15.47
C ALA A 409 5.20 20.46 15.69
N GLY A 410 5.96 20.75 14.64
CA GLY A 410 7.08 21.68 14.73
C GLY A 410 7.77 21.94 13.40
N LEU A 416 3.38 29.70 20.41
CA LEU A 416 3.20 29.85 18.97
C LEU A 416 3.74 31.21 18.51
N LEU A 417 4.82 31.64 19.14
CA LEU A 417 5.56 32.88 18.89
C LEU A 417 4.76 34.13 19.27
N VAL A 418 3.52 33.99 19.75
CA VAL A 418 2.70 35.14 20.12
C VAL A 418 2.45 35.18 21.63
N HIS A 419 2.30 34.01 22.27
CA HIS A 419 2.23 33.87 23.73
C HIS A 419 1.06 34.67 24.31
N LEU A 420 -0.14 34.26 23.93
CA LEU A 420 -1.36 34.85 24.45
C LEU A 420 -2.05 33.91 25.44
N PRO A 421 -2.85 34.44 26.36
CA PRO A 421 -3.66 33.57 27.22
C PRO A 421 -4.64 32.75 26.41
N ASP A 422 -4.95 31.56 26.94
CA ASP A 422 -5.76 30.59 26.19
C ASP A 422 -7.17 31.09 25.93
N ALA A 423 -7.69 31.97 26.79
CA ALA A 423 -9.08 32.41 26.66
C ALA A 423 -9.28 33.24 25.40
N GLU A 424 -8.33 34.12 25.09
CA GLU A 424 -8.51 35.02 23.95
C GLU A 424 -8.33 34.29 22.62
N LEU A 425 -7.33 33.41 22.53
CA LEU A 425 -7.04 32.74 21.26
C LEU A 425 -7.94 31.55 20.98
N GLU A 426 -8.76 31.12 21.95
CA GLU A 426 -9.61 29.95 21.74
C GLU A 426 -10.64 30.20 20.65
N ALA A 427 -11.21 31.41 20.60
CA ALA A 427 -12.12 31.76 19.53
C ALA A 427 -11.44 31.83 18.17
N LEU A 428 -10.11 31.96 18.16
CA LEU A 428 -9.34 32.00 16.92
C LEU A 428 -8.60 30.71 16.62
N GLU A 429 -8.28 29.92 17.66
CA GLU A 429 -7.59 28.64 17.44
C GLU A 429 -8.45 27.69 16.63
N GLY A 430 -9.74 27.63 16.92
CA GLY A 430 -10.65 26.78 16.17
C GLY A 430 -11.01 27.30 14.80
N LEU A 431 -10.58 28.51 14.46
CA LEU A 431 -10.85 29.07 13.15
C LEU A 431 -9.80 28.59 12.16
N ALA A 432 -10.24 27.94 11.09
CA ALA A 432 -9.34 27.34 10.11
C ALA A 432 -9.28 28.20 8.86
N LEU A 433 -8.08 28.59 8.48
CA LEU A 433 -7.84 29.29 7.23
C LEU A 433 -7.88 28.28 6.07
N PRO A 434 -8.06 28.76 4.84
CA PRO A 434 -8.21 27.83 3.70
C PRO A 434 -7.05 26.85 3.58
N SER A 435 -7.39 25.60 3.30
CA SER A 435 -6.43 24.52 3.30
C SER A 435 -5.66 24.51 1.97
N GLY A 436 -4.93 23.44 1.72
CA GLY A 436 -4.09 23.34 0.54
C GLY A 436 -2.67 23.81 0.79
N ARG A 437 -1.79 23.43 -0.13
CA ARG A 437 -0.37 23.76 -0.03
C ARG A 437 0.14 24.02 -1.44
N VAL A 438 0.48 25.29 -1.73
CA VAL A 438 1.00 25.67 -3.03
C VAL A 438 2.46 25.23 -3.13
N ALA A 439 3.03 25.33 -4.32
CA ALA A 439 4.40 24.87 -4.57
C ALA A 439 5.45 25.89 -4.21
N TYR A 440 5.07 27.05 -3.69
CA TYR A 440 6.01 28.12 -3.40
C TYR A 440 5.96 28.49 -1.92
N SER A 441 7.11 28.90 -1.39
CA SER A 441 7.24 29.29 0.01
C SER A 441 6.81 30.74 0.18
N ARG A 442 6.75 31.17 1.45
CA ARG A 442 6.30 32.53 1.74
C ARG A 442 7.38 33.56 1.42
N LEU A 443 8.63 33.26 1.76
CA LEU A 443 9.73 34.17 1.46
C LEU A 443 9.92 34.30 -0.05
N THR A 444 9.89 33.18 -0.76
CA THR A 444 10.03 33.20 -2.21
C THR A 444 8.89 33.95 -2.86
N LEU A 445 7.66 33.72 -2.40
CA LEU A 445 6.50 34.42 -2.97
C LEU A 445 6.57 35.92 -2.71
N SER A 446 6.99 36.32 -1.50
CA SER A 446 7.13 37.74 -1.21
C SER A 446 8.20 38.38 -2.08
N GLY A 447 9.34 37.70 -2.25
CA GLY A 447 10.40 38.24 -3.10
C GLY A 447 9.99 38.33 -4.55
N LEU A 448 9.18 37.38 -5.02
CA LEU A 448 8.70 37.43 -6.40
C LEU A 448 7.69 38.56 -6.58
N THR A 449 6.72 38.67 -5.65
CA THR A 449 5.66 39.66 -5.82
C THR A 449 6.16 41.07 -5.57
N ARG A 450 7.29 41.24 -4.88
CA ARG A 450 7.89 42.56 -4.78
C ARG A 450 8.39 43.07 -6.12
N VAL A 451 8.84 42.17 -7.00
CA VAL A 451 9.46 42.55 -8.27
C VAL A 451 8.54 42.02 -9.37
N MET A 452 7.24 42.08 -9.13
CA MET A 452 6.27 41.65 -10.14
C MET A 452 5.23 42.70 -10.47
N ARG A 453 4.71 43.41 -9.47
CA ARG A 453 3.66 44.39 -9.73
C ARG A 453 4.18 45.68 -10.34
N ASP A 454 5.50 45.86 -10.40
CA ASP A 454 6.11 47.10 -10.85
C ASP A 454 6.65 47.02 -12.28
N ASP A 455 7.45 46.00 -12.59
CA ASP A 455 8.04 45.87 -13.92
C ASP A 455 7.03 45.43 -14.97
N GLY A 456 5.85 44.99 -14.57
CA GLY A 456 4.85 44.53 -15.53
C GLY A 456 5.26 43.30 -16.30
N VAL A 457 5.87 42.33 -15.62
CA VAL A 457 6.32 41.11 -16.26
C VAL A 457 5.45 39.95 -15.79
N ASP A 458 5.64 38.79 -16.41
CA ASP A 458 4.85 37.60 -16.12
C ASP A 458 5.59 36.70 -15.14
N VAL A 459 5.00 35.53 -14.87
CA VAL A 459 5.54 34.62 -13.88
C VAL A 459 6.89 34.08 -14.31
N HIS A 460 7.01 33.67 -15.58
CA HIS A 460 8.25 33.06 -16.05
C HIS A 460 9.42 34.03 -16.00
N ASN A 461 9.20 35.27 -16.46
CA ASN A 461 10.26 36.27 -16.42
C ASN A 461 10.64 36.63 -14.98
N ALA A 462 9.64 36.73 -14.11
CA ALA A 462 9.92 37.06 -12.71
C ALA A 462 10.76 35.98 -12.04
N ARG A 463 10.41 34.70 -12.28
CA ARG A 463 11.20 33.62 -11.71
C ARG A 463 12.60 33.59 -12.31
N LYS A 464 12.73 33.84 -13.62
CA LYS A 464 14.04 33.82 -14.26
C LYS A 464 14.94 34.93 -13.73
N THR A 465 14.38 36.11 -13.51
CA THR A 465 15.17 37.29 -13.15
C THR A 465 15.47 37.38 -11.66
N CYS A 466 14.50 37.07 -10.81
CA CYS A 466 14.60 37.40 -9.39
C CYS A 466 15.72 36.61 -8.70
N PHE A 467 15.73 35.29 -8.87
CA PHE A 467 16.69 34.43 -8.17
C PHE A 467 17.93 34.13 -9.00
N GLY A 468 18.08 34.75 -10.16
CA GLY A 468 19.26 34.53 -10.98
C GLY A 468 19.35 33.11 -11.54
N VAL A 469 18.23 32.60 -12.02
CA VAL A 469 18.19 31.29 -12.64
C VAL A 469 18.08 31.47 -14.15
N ASP A 470 18.45 30.41 -14.87
CA ASP A 470 18.49 30.46 -16.32
C ASP A 470 17.10 30.27 -16.92
N ASP A 471 16.99 30.52 -18.23
CA ASP A 471 15.75 30.20 -18.93
C ASP A 471 15.50 28.70 -18.95
N ASN A 472 16.56 27.92 -19.13
CA ASN A 472 16.47 26.46 -19.14
C ASN A 472 16.50 25.86 -17.74
N TRP A 473 16.61 26.68 -16.70
CA TRP A 473 16.64 26.17 -15.33
C TRP A 473 15.27 25.63 -14.94
N ARG A 474 15.27 24.43 -14.37
CA ARG A 474 14.08 23.74 -13.89
C ARG A 474 14.33 23.31 -12.45
N PRO A 475 13.28 23.03 -11.69
CA PRO A 475 13.47 22.44 -10.36
C PRO A 475 14.24 21.13 -10.46
N PRO A 476 15.17 20.87 -9.55
CA PRO A 476 16.05 19.70 -9.70
C PRO A 476 15.27 18.39 -9.68
N LEU A 477 15.70 17.48 -10.55
CA LEU A 477 15.13 16.15 -10.59
C LEU A 477 15.70 15.30 -9.45
N PRO A 478 14.89 14.39 -8.89
CA PRO A 478 15.40 13.52 -7.83
C PRO A 478 16.50 12.61 -8.31
N ALA A 479 17.46 12.34 -7.43
CA ALA A 479 18.56 11.46 -7.77
C ALA A 479 18.15 10.00 -7.59
N LEU A 480 18.98 9.09 -8.12
CA LEU A 480 18.69 7.68 -8.02
C LEU A 480 18.75 7.16 -6.59
N HIS A 481 19.33 7.93 -5.67
CA HIS A 481 19.44 7.53 -4.28
C HIS A 481 18.35 8.12 -3.40
N GLU A 482 17.31 8.70 -4.00
CA GLU A 482 16.21 9.29 -3.25
C GLU A 482 15.03 8.34 -3.25
N ALA A 483 14.54 8.01 -2.06
CA ALA A 483 13.38 7.12 -1.93
C ALA A 483 12.11 7.84 -2.33
N THR A 484 11.24 7.13 -3.04
CA THR A 484 10.01 7.73 -3.55
C THR A 484 8.87 7.71 -2.52
N GLY A 485 9.00 6.92 -1.46
CA GLY A 485 7.95 6.78 -0.48
C GLY A 485 6.90 5.75 -0.83
N HIS A 486 6.96 5.17 -2.02
CA HIS A 486 6.08 4.11 -2.50
C HIS A 486 6.79 2.78 -2.38
N PRO A 487 6.15 1.72 -1.86
CA PRO A 487 6.88 0.48 -1.60
C PRO A 487 7.35 -0.24 -2.85
N VAL A 488 6.43 -0.49 -3.78
CA VAL A 488 6.76 -1.18 -5.03
C VAL A 488 7.79 -0.37 -5.82
N VAL A 489 7.55 0.94 -5.92
CA VAL A 489 8.44 1.81 -6.68
C VAL A 489 9.81 1.87 -6.03
N ASP A 490 9.86 1.87 -4.70
CA ASP A 490 11.15 1.86 -4.01
C ASP A 490 11.90 0.57 -4.25
N ARG A 491 11.20 -0.57 -4.25
CA ARG A 491 11.87 -1.85 -4.53
C ARG A 491 12.44 -1.87 -5.94
N ASN A 492 11.60 -1.55 -6.93
CA ASN A 492 12.07 -1.53 -8.31
C ASN A 492 13.19 -0.53 -8.50
N LEU A 493 13.11 0.62 -7.82
CA LEU A 493 14.09 1.67 -7.98
C LEU A 493 15.42 1.28 -7.34
N ALA A 494 15.38 0.59 -6.19
CA ALA A 494 16.62 0.13 -5.58
C ALA A 494 17.31 -0.90 -6.45
N ILE A 495 16.54 -1.86 -6.98
CA ILE A 495 17.14 -2.87 -7.85
C ILE A 495 17.71 -2.21 -9.10
N LEU A 496 16.94 -1.29 -9.70
CA LEU A 496 17.37 -0.59 -10.90
C LEU A 496 18.63 0.22 -10.66
N ARG A 497 18.70 0.92 -9.53
CA ARG A 497 19.87 1.76 -9.26
C ARG A 497 21.10 0.92 -9.00
N LYS A 498 20.94 -0.24 -8.34
CA LYS A 498 22.09 -1.12 -8.15
C LYS A 498 22.58 -1.68 -9.49
N PHE A 499 21.64 -2.15 -10.32
CA PHE A 499 21.99 -2.67 -11.64
C PHE A 499 22.68 -1.61 -12.48
N LEU A 500 22.14 -0.40 -12.46
CA LEU A 500 22.68 0.67 -13.30
C LEU A 500 24.04 1.15 -12.82
N SER A 501 24.23 1.22 -11.49
CA SER A 501 25.54 1.58 -10.97
C SER A 501 26.59 0.53 -11.31
N SER A 502 26.23 -0.76 -11.16
CA SER A 502 27.18 -1.82 -11.50
C SER A 502 27.50 -1.81 -12.99
N ALA A 503 26.48 -1.63 -13.83
CA ALA A 503 26.69 -1.58 -15.27
C ALA A 503 27.55 -0.38 -15.66
N THR A 504 27.35 0.76 -15.01
CA THR A 504 28.17 1.93 -15.27
C THR A 504 29.61 1.71 -14.86
N MET A 505 29.84 1.10 -13.70
CA MET A 505 31.23 0.86 -13.31
C MET A 505 31.86 -0.29 -14.07
N ARG A 506 31.10 -1.08 -14.81
CA ARG A 506 31.70 -2.13 -15.64
C ARG A 506 31.95 -1.66 -17.07
N TRP A 507 30.90 -1.24 -17.77
CA TRP A 507 30.97 -0.92 -19.19
C TRP A 507 30.53 0.51 -19.46
N GLY A 508 30.84 1.42 -18.54
CA GLY A 508 30.59 2.82 -18.75
C GLY A 508 29.11 3.17 -18.78
N PRO A 509 28.81 4.44 -19.02
CA PRO A 509 27.42 4.87 -19.07
C PRO A 509 26.71 4.22 -20.24
N PRO A 510 25.42 3.94 -20.10
CA PRO A 510 24.66 3.44 -21.25
C PRO A 510 24.53 4.50 -22.34
N GLN A 511 24.49 4.03 -23.58
CA GLN A 511 24.25 4.93 -24.70
C GLN A 511 22.79 5.41 -24.70
N SER A 512 21.88 4.57 -24.22
CA SER A 512 20.48 4.98 -24.06
C SER A 512 19.84 4.09 -23.01
N ILE A 513 18.71 4.54 -22.50
CA ILE A 513 17.96 3.83 -21.47
C ILE A 513 16.51 3.71 -21.93
N VAL A 514 15.97 2.51 -21.89
CA VAL A 514 14.58 2.25 -22.24
C VAL A 514 13.95 1.44 -21.12
N VAL A 515 12.75 1.85 -20.71
CA VAL A 515 12.06 1.27 -19.56
C VAL A 515 10.61 1.02 -19.95
N GLU A 516 10.05 -0.08 -19.45
CA GLU A 516 8.64 -0.37 -19.65
C GLU A 516 8.05 -0.91 -18.35
N LEU A 517 6.88 -0.40 -17.98
CA LEU A 517 6.14 -0.90 -16.84
C LEU A 517 4.74 -1.27 -17.28
N ALA A 518 4.25 -2.41 -16.81
CA ALA A 518 2.96 -2.96 -17.21
C ALA A 518 2.07 -3.09 -15.98
N ARG A 519 1.17 -2.11 -15.80
CA ARG A 519 0.17 -2.12 -14.73
C ARG A 519 0.84 -2.23 -13.37
N GLY A 520 0.08 -2.58 -12.33
CA GLY A 520 0.66 -2.73 -10.99
C GLY A 520 1.23 -1.45 -10.43
N ALA A 521 0.62 -0.31 -10.75
CA ALA A 521 1.10 0.99 -10.28
C ALA A 521 -0.07 1.79 -9.76
N SER A 522 0.10 2.37 -8.56
CA SER A 522 -0.94 3.14 -7.87
C SER A 522 -2.21 2.33 -7.71
N GLU A 523 -2.06 1.04 -7.42
CA GLU A 523 -3.18 0.11 -7.32
C GLU A 523 -3.13 -0.59 -5.97
N SER A 524 -4.28 -0.62 -5.29
CA SER A 524 -4.43 -1.35 -4.04
C SER A 524 -5.88 -1.76 -3.85
N ARG A 525 -4.09 -4.59 -3.49
CA ARG A 525 -4.69 -5.93 -3.44
C ARG A 525 -6.17 -5.86 -3.80
N GLU A 526 -6.84 -4.78 -3.41
CA GLU A 526 -8.24 -4.59 -3.79
C GLU A 526 -8.37 -4.40 -5.30
N ARG A 527 -7.39 -3.75 -5.93
CA ARG A 527 -7.37 -3.71 -7.40
C ARG A 527 -7.06 -5.08 -7.98
N GLN A 528 -6.14 -5.83 -7.35
CA GLN A 528 -5.89 -7.21 -7.75
C GLN A 528 -7.15 -8.05 -7.60
N ALA A 529 -7.87 -7.86 -6.49
CA ALA A 529 -9.12 -8.57 -6.27
C ALA A 529 -10.16 -8.20 -7.31
N GLU A 530 -10.24 -6.91 -7.66
CA GLU A 530 -11.21 -6.48 -8.66
C GLU A 530 -10.89 -7.07 -10.03
N GLU A 531 -9.61 -7.09 -10.41
CA GLU A 531 -9.23 -7.68 -11.69
C GLU A 531 -9.49 -9.18 -11.73
N GLU A 532 -9.19 -9.89 -10.62
CA GLU A 532 -9.43 -11.32 -10.62
C GLU A 532 -10.93 -11.62 -10.63
N ALA A 533 -11.73 -10.79 -9.95
CA ALA A 533 -13.18 -10.96 -10.02
C ALA A 533 -13.69 -10.67 -11.44
N ALA A 534 -13.12 -9.67 -12.11
CA ALA A 534 -13.52 -9.37 -13.48
C ALA A 534 -13.20 -10.52 -14.42
N ARG A 535 -12.01 -11.12 -14.30
CA ARG A 535 -11.68 -12.24 -15.18
C ARG A 535 -12.46 -13.49 -14.82
N ARG A 536 -12.75 -13.70 -13.54
CA ARG A 536 -13.61 -14.82 -13.15
C ARG A 536 -15.00 -14.67 -13.74
N ALA A 537 -15.56 -13.45 -13.68
CA ALA A 537 -16.83 -13.18 -14.33
C ALA A 537 -16.73 -13.39 -15.84
N HIS A 538 -15.60 -12.95 -16.43
CA HIS A 538 -15.36 -13.15 -17.86
C HIS A 538 -15.48 -14.62 -18.25
N ARG A 539 -14.80 -15.49 -17.51
CA ARG A 539 -14.73 -16.89 -17.89
C ARG A 539 -15.85 -17.74 -17.33
N LYS A 540 -16.68 -17.19 -16.43
CA LYS A 540 -17.82 -17.93 -15.92
C LYS A 540 -19.16 -17.54 -16.53
N ALA A 541 -19.40 -16.25 -16.79
CA ALA A 541 -20.69 -15.84 -17.33
C ALA A 541 -20.85 -16.27 -18.77
N ASN A 542 -19.77 -16.23 -19.56
CA ASN A 542 -19.87 -16.60 -20.97
C ASN A 542 -20.01 -18.10 -21.18
N ASP A 543 -19.77 -18.92 -20.15
CA ASP A 543 -19.78 -20.37 -20.33
C ASP A 543 -21.19 -20.87 -20.61
N ARG A 544 -22.20 -20.26 -19.99
CA ARG A 544 -23.59 -20.62 -20.27
C ARG A 544 -23.91 -20.43 -21.75
N ILE A 545 -23.58 -19.26 -22.29
CA ILE A 545 -23.86 -18.96 -23.69
C ILE A 545 -23.01 -19.82 -24.61
N ARG A 546 -21.75 -20.07 -24.23
CA ARG A 546 -20.90 -20.92 -25.06
C ARG A 546 -21.45 -22.34 -25.14
N ALA A 547 -21.92 -22.88 -24.01
CA ALA A 547 -22.56 -24.19 -24.03
C ALA A 547 -23.83 -24.17 -24.86
N GLU A 548 -24.62 -23.09 -24.77
CA GLU A 548 -25.83 -22.98 -25.58
C GLU A 548 -25.50 -22.96 -27.07
N LEU A 549 -24.43 -22.24 -27.45
CA LEU A 549 -24.04 -22.17 -28.85
C LEU A 549 -23.51 -23.50 -29.36
N ARG A 550 -22.72 -24.20 -28.54
CA ARG A 550 -22.22 -25.51 -28.95
C ARG A 550 -23.34 -26.55 -29.01
N ALA A 551 -24.35 -26.42 -28.16
CA ALA A 551 -25.55 -27.24 -28.32
C ALA A 551 -26.27 -26.89 -29.62
N SER A 552 -26.35 -25.61 -29.95
CA SER A 552 -26.85 -25.22 -31.26
C SER A 552 -25.92 -25.69 -32.37
N GLY A 553 -24.61 -25.61 -32.15
CA GLY A 553 -23.66 -26.13 -33.10
C GLY A 553 -22.71 -25.09 -33.68
N LEU A 554 -22.58 -23.95 -33.01
CA LEU A 554 -21.70 -22.90 -33.50
C LEU A 554 -20.25 -23.28 -33.27
N SER A 555 -19.43 -23.11 -34.31
CA SER A 555 -18.00 -23.40 -34.25
C SER A 555 -17.18 -22.18 -34.65
N ASP A 556 -17.67 -20.98 -34.33
CA ASP A 556 -17.01 -19.72 -34.66
C ASP A 556 -16.82 -18.94 -33.36
N PRO A 557 -15.81 -19.30 -32.57
CA PRO A 557 -15.60 -18.59 -31.29
C PRO A 557 -15.06 -17.18 -31.51
N SER A 558 -15.91 -16.18 -31.32
CA SER A 558 -15.54 -14.78 -31.51
C SER A 558 -15.95 -13.99 -30.29
N PRO A 559 -15.08 -13.12 -29.75
CA PRO A 559 -15.46 -12.32 -28.58
C PRO A 559 -16.66 -11.42 -28.82
N ALA A 560 -16.81 -10.88 -30.04
CA ALA A 560 -17.96 -10.03 -30.33
C ALA A 560 -19.27 -10.80 -30.20
N ASP A 561 -19.27 -12.06 -30.62
CA ASP A 561 -20.43 -12.92 -30.43
C ASP A 561 -20.75 -13.08 -28.94
N LEU A 562 -19.70 -13.27 -28.12
CA LEU A 562 -19.92 -13.42 -26.69
C LEU A 562 -20.52 -12.15 -26.08
N VAL A 563 -20.03 -10.98 -26.50
CA VAL A 563 -20.54 -9.73 -25.95
C VAL A 563 -21.98 -9.50 -26.36
N ARG A 564 -22.29 -9.68 -27.65
CA ARG A 564 -23.67 -9.47 -28.11
C ARG A 564 -24.62 -10.47 -27.48
N ALA A 565 -24.16 -11.70 -27.24
CA ALA A 565 -25.04 -12.69 -26.64
C ALA A 565 -25.22 -12.45 -25.14
N ARG A 566 -24.20 -11.90 -24.48
CA ARG A 566 -24.38 -11.46 -23.09
C ARG A 566 -25.41 -10.35 -23.02
N LEU A 567 -25.37 -9.42 -23.98
CA LEU A 567 -26.40 -8.39 -24.06
C LEU A 567 -27.77 -9.02 -24.31
N LEU A 568 -27.83 -10.04 -25.15
CA LEU A 568 -29.10 -10.74 -25.41
C LEU A 568 -29.64 -11.38 -24.14
N GLU A 569 -28.77 -12.04 -23.37
CA GLU A 569 -29.21 -12.69 -22.14
C GLU A 569 -29.69 -11.68 -21.12
N LEU A 570 -28.99 -10.54 -20.99
CA LEU A 570 -29.39 -9.55 -20.00
C LEU A 570 -30.67 -8.82 -20.42
N TYR A 571 -30.85 -8.59 -21.72
CA TYR A 571 -31.92 -7.74 -22.21
C TYR A 571 -33.04 -8.51 -22.90
N ASP A 572 -32.93 -9.84 -23.02
CA ASP A 572 -33.95 -10.68 -23.64
C ASP A 572 -34.23 -10.28 -25.09
N CYS A 573 -33.22 -9.71 -25.76
CA CYS A 573 -33.31 -9.29 -27.16
C CYS A 573 -34.46 -8.31 -27.37
N HIS A 574 -34.34 -7.15 -26.72
CA HIS A 574 -35.44 -6.19 -26.61
C HIS A 574 -35.03 -4.84 -27.18
N CYS A 575 -35.47 -4.56 -28.41
CA CYS A 575 -35.43 -3.21 -28.96
C CYS A 575 -36.41 -2.34 -28.20
N MET A 576 -35.88 -1.51 -27.29
CA MET A 576 -36.74 -0.77 -26.38
C MET A 576 -37.34 0.47 -27.04
N TYR A 577 -36.64 1.05 -28.03
CA TYR A 577 -37.16 2.20 -28.76
C TYR A 577 -38.30 1.84 -29.70
N CYS A 578 -38.45 0.56 -30.02
CA CYS A 578 -39.34 0.14 -31.10
C CYS A 578 -40.27 -1.02 -30.74
N GLY A 579 -39.96 -1.82 -29.72
CA GLY A 579 -40.66 -3.07 -29.52
C GLY A 579 -39.97 -4.16 -30.33
N ALA A 580 -40.72 -4.82 -31.22
CA ALA A 580 -40.20 -5.76 -32.20
C ALA A 580 -39.34 -6.85 -31.57
N PRO A 581 -39.93 -7.85 -30.92
CA PRO A 581 -39.14 -8.93 -30.33
C PRO A 581 -38.30 -9.65 -31.38
N ILE A 582 -37.07 -9.98 -31.00
CA ILE A 582 -36.04 -10.48 -31.89
C ILE A 582 -35.29 -11.64 -31.22
N SER A 583 -34.35 -12.23 -31.95
CA SER A 583 -33.69 -13.46 -31.53
C SER A 583 -32.22 -13.37 -31.90
N TRP A 584 -31.54 -14.52 -31.85
CA TRP A 584 -30.10 -14.55 -32.11
C TRP A 584 -29.77 -14.18 -33.55
N GLU A 585 -30.63 -14.56 -34.50
CA GLU A 585 -30.37 -14.24 -35.89
C GLU A 585 -30.56 -12.76 -36.18
N ASN A 586 -31.24 -12.04 -35.30
CA ASN A 586 -31.54 -10.62 -35.46
C ASN A 586 -30.99 -9.88 -34.24
N SER A 587 -29.74 -9.41 -34.36
CA SER A 587 -29.17 -8.55 -33.33
C SER A 587 -28.79 -7.17 -33.87
N GLU A 588 -28.03 -7.12 -34.98
CA GLU A 588 -27.60 -5.88 -35.61
C GLU A 588 -26.88 -4.98 -34.61
N LEU A 589 -25.71 -5.45 -34.18
CA LEU A 589 -24.88 -4.73 -33.21
C LEU A 589 -24.61 -3.31 -33.66
N ASP A 590 -25.14 -2.35 -32.92
CA ASP A 590 -25.00 -0.94 -33.23
C ASP A 590 -24.23 -0.23 -32.13
N HIS A 591 -23.49 0.79 -32.52
CA HIS A 591 -22.65 1.56 -31.61
C HIS A 591 -23.34 2.85 -31.23
N ILE A 592 -23.29 3.20 -29.94
CA ILE A 592 -23.76 4.50 -29.50
C ILE A 592 -22.93 5.60 -30.14
N VAL A 593 -21.60 5.42 -30.17
CA VAL A 593 -20.69 6.33 -30.85
C VAL A 593 -20.05 5.57 -32.01
N PRO A 594 -20.20 6.04 -33.24
CA PRO A 594 -19.56 5.36 -34.37
C PRO A 594 -18.04 5.50 -34.31
N ARG A 595 -17.37 4.56 -34.97
CA ARG A 595 -15.91 4.62 -35.07
C ARG A 595 -15.42 5.85 -35.82
N THR A 596 -16.28 6.47 -36.63
CA THR A 596 -15.93 7.69 -37.34
C THR A 596 -16.12 8.96 -36.51
N ASP A 597 -16.79 8.86 -35.36
CA ASP A 597 -17.00 10.00 -34.48
C ASP A 597 -16.40 9.75 -33.09
N GLY A 598 -15.40 8.87 -33.01
CA GLY A 598 -14.76 8.58 -31.74
C GLY A 598 -15.37 7.41 -31.00
N GLY A 599 -15.51 6.28 -31.67
CA GLY A 599 -16.09 5.09 -31.08
C GLY A 599 -15.10 3.94 -31.07
N SER A 600 -15.26 3.05 -30.07
CA SER A 600 -14.43 1.87 -29.95
C SER A 600 -15.30 0.67 -29.64
N ASN A 601 -14.85 -0.51 -30.05
CA ASN A 601 -15.59 -1.76 -29.83
C ASN A 601 -15.41 -2.18 -28.38
N ARG A 602 -16.16 -1.53 -27.51
CA ARG A 602 -16.13 -1.78 -26.08
C ARG A 602 -17.44 -2.42 -25.62
N HIS A 603 -17.57 -2.61 -24.31
CA HIS A 603 -18.75 -3.22 -23.72
C HIS A 603 -19.80 -2.21 -23.29
N GLU A 604 -19.53 -0.91 -23.47
CA GLU A 604 -20.46 0.14 -23.08
C GLU A 604 -21.04 0.91 -24.25
N ASN A 605 -20.45 0.79 -25.45
CA ASN A 605 -20.92 1.51 -26.61
C ASN A 605 -21.99 0.76 -27.40
N LEU A 606 -22.28 -0.49 -27.03
CA LEU A 606 -23.20 -1.29 -27.81
C LEU A 606 -24.65 -1.02 -27.42
N ALA A 607 -25.56 -1.44 -28.29
CA ALA A 607 -27.00 -1.27 -28.06
C ALA A 607 -27.75 -2.29 -28.91
N ILE A 608 -28.68 -3.01 -28.28
CA ILE A 608 -29.45 -4.01 -29.00
C ILE A 608 -30.49 -3.31 -29.88
N THR A 609 -30.57 -3.73 -31.14
CA THR A 609 -31.35 -3.02 -32.14
C THR A 609 -32.30 -3.98 -32.87
N CYS A 610 -33.36 -3.40 -33.42
CA CYS A 610 -34.47 -4.15 -34.01
C CYS A 610 -34.62 -3.89 -35.50
N GLY A 611 -33.57 -3.42 -36.16
CA GLY A 611 -33.69 -3.07 -37.57
C GLY A 611 -34.32 -1.70 -37.77
N ALA A 612 -35.54 -1.54 -37.28
CA ALA A 612 -36.15 -0.21 -37.26
C ALA A 612 -35.40 0.73 -36.33
N CYS A 613 -35.03 0.23 -35.14
CA CYS A 613 -34.27 1.00 -34.17
C CYS A 613 -32.76 0.87 -34.38
N ASN A 614 -32.33 0.49 -35.60
CA ASN A 614 -30.93 0.23 -35.89
C ASN A 614 -30.31 1.31 -36.78
N LYS A 615 -30.88 1.55 -37.95
CA LYS A 615 -30.30 2.48 -38.91
C LYS A 615 -30.90 3.88 -38.82
N GLU A 616 -31.81 4.13 -37.87
CA GLU A 616 -32.36 5.46 -37.69
C GLU A 616 -31.36 6.44 -37.09
N LYS A 617 -30.23 5.94 -36.58
CA LYS A 617 -29.24 6.85 -36.01
C LYS A 617 -28.62 7.75 -37.07
N GLY A 618 -28.15 7.16 -38.16
CA GLY A 618 -27.58 7.93 -39.26
C GLY A 618 -26.38 8.76 -38.87
N ARG A 619 -25.46 8.20 -38.09
CA ARG A 619 -24.24 8.82 -37.58
C ARG A 619 -24.52 9.97 -36.61
N ARG A 620 -25.79 10.27 -36.32
CA ARG A 620 -26.12 11.32 -35.38
C ARG A 620 -25.82 10.86 -33.96
N PRO A 621 -25.68 11.80 -33.02
CA PRO A 621 -25.54 11.42 -31.61
C PRO A 621 -26.73 10.58 -31.15
N PHE A 622 -26.42 9.48 -30.47
CA PHE A 622 -27.45 8.50 -30.14
C PHE A 622 -28.37 9.06 -29.05
N ALA A 623 -29.68 8.81 -29.22
CA ALA A 623 -30.72 9.33 -28.34
C ALA A 623 -30.74 10.86 -28.29
N SER A 624 -30.24 11.52 -29.33
CA SER A 624 -30.29 12.97 -29.45
C SER A 624 -31.10 13.43 -30.65
N TRP A 625 -30.83 12.87 -31.84
CA TRP A 625 -31.70 13.09 -32.98
C TRP A 625 -33.01 12.33 -32.83
N ALA A 626 -32.98 11.18 -32.15
CA ALA A 626 -34.19 10.36 -32.02
C ALA A 626 -35.17 10.96 -31.02
N GLU A 627 -34.67 11.58 -29.95
CA GLU A 627 -35.55 12.08 -28.90
C GLU A 627 -36.44 13.21 -29.39
N THR A 628 -35.98 13.99 -30.37
CA THR A 628 -36.81 15.04 -30.97
C THR A 628 -37.53 14.51 -32.21
N SER A 629 -38.23 13.40 -32.03
CA SER A 629 -38.94 12.75 -33.12
C SER A 629 -39.96 11.79 -32.53
N ASN A 630 -40.86 11.31 -33.38
CA ASN A 630 -41.88 10.37 -32.96
C ASN A 630 -41.35 8.94 -32.99
N ARG A 631 -42.09 8.05 -32.33
CA ARG A 631 -41.86 6.61 -32.27
C ARG A 631 -40.67 6.23 -31.39
N VAL A 632 -39.88 7.22 -30.99
CA VAL A 632 -38.71 7.04 -30.14
C VAL A 632 -38.58 8.27 -29.24
N GLN A 633 -38.33 8.05 -27.95
CA GLN A 633 -38.27 9.16 -27.01
C GLN A 633 -37.25 8.85 -25.91
N LEU A 634 -36.71 9.92 -25.32
CA LEU A 634 -35.81 9.83 -24.18
C LEU A 634 -36.60 10.10 -22.89
N ARG A 635 -35.88 10.27 -21.78
CA ARG A 635 -36.37 10.56 -20.43
C ARG A 635 -37.11 9.39 -19.79
N ASP A 636 -37.30 8.28 -20.50
CA ASP A 636 -37.95 7.10 -19.97
C ASP A 636 -37.10 5.85 -20.05
N VAL A 637 -36.23 5.77 -21.06
CA VAL A 637 -35.34 4.61 -21.22
C VAL A 637 -34.32 4.57 -20.09
N ILE A 638 -33.67 5.70 -19.82
CA ILE A 638 -32.74 5.78 -18.72
C ILE A 638 -33.45 5.63 -17.38
N ASP A 639 -34.74 5.98 -17.32
CA ASP A 639 -35.53 5.67 -16.13
C ASP A 639 -35.58 4.17 -15.87
N ARG A 640 -35.48 3.37 -16.93
CA ARG A 640 -35.42 1.92 -16.75
C ARG A 640 -34.00 1.41 -16.61
N VAL A 641 -33.02 2.15 -17.15
CA VAL A 641 -31.62 1.78 -16.96
C VAL A 641 -31.21 1.96 -15.50
N GLN A 642 -31.73 3.01 -14.85
CA GLN A 642 -31.38 3.29 -13.46
C GLN A 642 -31.91 2.19 -12.53
N LYS A 643 -33.10 1.66 -12.81
CA LYS A 643 -33.71 0.65 -11.96
C LYS A 643 -33.23 -0.76 -12.27
N LEU A 644 -32.20 -0.91 -13.10
CA LEU A 644 -31.70 -2.23 -13.48
C LEU A 644 -30.99 -2.88 -12.30
N LYS A 645 -31.72 -3.69 -11.53
CA LYS A 645 -31.16 -4.33 -10.35
C LYS A 645 -30.11 -5.35 -10.76
N TYR A 646 -29.08 -5.50 -9.91
CA TYR A 646 -27.95 -6.34 -10.24
C TYR A 646 -28.35 -7.81 -10.30
N SER A 647 -28.10 -8.44 -11.45
CA SER A 647 -28.32 -9.87 -11.61
C SER A 647 -27.15 -10.63 -11.02
N GLY A 648 -27.44 -11.53 -10.08
CA GLY A 648 -26.40 -12.15 -9.28
C GLY A 648 -25.53 -13.15 -10.02
N ASN A 649 -25.92 -13.57 -11.22
CA ASN A 649 -25.16 -14.56 -11.99
C ASN A 649 -24.96 -14.05 -13.42
N MET A 650 -23.95 -13.19 -13.60
CA MET A 650 -23.64 -12.61 -14.90
C MET A 650 -22.33 -11.84 -14.78
N TYR A 651 -21.86 -11.31 -15.91
CA TYR A 651 -20.49 -10.81 -16.00
C TYR A 651 -20.31 -9.51 -15.22
N TRP A 652 -21.20 -8.54 -15.40
CA TRP A 652 -21.02 -7.22 -14.78
C TRP A 652 -21.39 -7.32 -13.30
N THR A 653 -20.37 -7.61 -12.47
CA THR A 653 -20.58 -7.79 -11.05
C THR A 653 -20.98 -6.48 -10.38
N ARG A 654 -21.49 -6.60 -9.16
CA ARG A 654 -22.05 -5.44 -8.46
C ARG A 654 -21.02 -4.35 -8.18
N ASP A 655 -19.74 -4.71 -8.12
CA ASP A 655 -18.71 -3.68 -7.99
C ASP A 655 -18.53 -2.89 -9.27
N GLU A 656 -18.98 -3.43 -10.41
CA GLU A 656 -18.86 -2.75 -11.69
C GLU A 656 -20.19 -2.64 -12.45
N PHE A 657 -21.26 -3.26 -11.98
CA PHE A 657 -22.54 -3.18 -12.68
C PHE A 657 -23.08 -1.75 -12.67
N SER A 658 -23.07 -1.10 -11.51
CA SER A 658 -23.52 0.28 -11.43
C SER A 658 -22.59 1.22 -12.17
N ARG A 659 -21.28 0.93 -12.18
CA ARG A 659 -20.33 1.71 -12.97
C ARG A 659 -20.67 1.64 -14.45
N TYR A 660 -20.92 0.43 -14.95
CA TYR A 660 -21.30 0.26 -16.34
C TYR A 660 -22.63 0.94 -16.64
N LYS A 661 -23.58 0.85 -15.70
CA LYS A 661 -24.86 1.51 -15.88
C LYS A 661 -24.71 3.02 -16.02
N LYS A 662 -23.90 3.62 -15.15
CA LYS A 662 -23.71 5.07 -15.19
C LYS A 662 -22.92 5.49 -16.43
N SER A 663 -21.94 4.67 -16.84
CA SER A 663 -21.22 4.97 -18.08
C SER A 663 -22.13 4.91 -19.29
N VAL A 664 -23.02 3.92 -19.33
CA VAL A 664 -23.99 3.82 -20.42
C VAL A 664 -24.93 5.01 -20.41
N VAL A 665 -25.40 5.40 -19.22
CA VAL A 665 -26.29 6.55 -19.11
C VAL A 665 -25.60 7.82 -19.61
N ALA A 666 -24.34 8.01 -19.23
CA ALA A 666 -23.59 9.18 -19.69
C ALA A 666 -23.42 9.16 -21.21
N ARG A 667 -23.10 7.99 -21.77
CA ARG A 667 -22.92 7.89 -23.21
C ARG A 667 -24.22 8.01 -23.98
N LEU A 668 -25.37 7.79 -23.32
CA LEU A 668 -26.65 7.84 -24.01
C LEU A 668 -27.12 9.27 -24.27
N LYS A 669 -26.84 10.21 -23.38
CA LYS A 669 -27.41 11.54 -23.44
C LYS A 669 -26.52 12.56 -24.13
N ARG A 670 -25.36 12.16 -24.64
CA ARG A 670 -24.43 13.12 -25.22
C ARG A 670 -24.97 13.64 -26.55
N ARG A 671 -24.85 14.96 -26.77
CA ARG A 671 -25.37 15.60 -27.97
C ARG A 671 -24.28 15.98 -28.96
N THR A 672 -23.02 15.97 -28.55
CA THR A 672 -21.89 16.17 -29.43
C THR A 672 -21.00 14.92 -29.37
N SER A 673 -19.96 14.90 -30.19
CA SER A 673 -19.03 13.78 -30.16
C SER A 673 -18.27 13.78 -28.84
N ASP A 674 -17.67 12.62 -28.53
CA ASP A 674 -16.86 12.46 -27.32
C ASP A 674 -15.40 12.35 -27.71
N PRO A 675 -14.64 13.44 -27.65
CA PRO A 675 -13.25 13.41 -28.12
C PRO A 675 -12.34 12.66 -27.17
N GLU A 676 -11.40 11.90 -27.73
CA GLU A 676 -11.21 11.54 -29.13
C GLU A 676 -10.53 10.16 -29.19
N VAL A 677 -9.90 9.83 -30.32
CA VAL A 677 -9.47 8.47 -30.63
C VAL A 677 -8.01 8.36 -30.15
N ILE A 678 -7.66 9.21 -29.18
CA ILE A 678 -6.30 9.26 -28.65
C ILE A 678 -5.83 7.89 -28.17
N GLN A 679 -4.54 7.64 -28.35
CA GLN A 679 -3.88 6.44 -27.84
C GLN A 679 -3.38 6.75 -26.42
N SER A 680 -2.64 5.81 -25.84
CA SER A 680 -2.02 6.05 -24.55
C SER A 680 -0.98 7.17 -24.67
N ILE A 681 -0.89 7.99 -23.63
CA ILE A 681 -0.04 9.18 -23.68
C ILE A 681 1.34 8.86 -23.14
N GLU A 682 1.63 7.57 -22.96
CA GLU A 682 2.99 7.06 -22.76
C GLU A 682 3.52 7.39 -21.38
N SER A 683 2.77 8.18 -20.60
CA SER A 683 3.18 8.52 -19.23
C SER A 683 1.93 8.93 -18.45
N THR A 684 1.52 8.08 -17.51
CA THR A 684 0.43 8.42 -16.58
C THR A 684 0.73 8.08 -15.13
N GLY A 685 1.64 7.17 -14.84
CA GLY A 685 1.79 6.64 -13.50
C GLY A 685 2.72 7.50 -12.64
N TYR A 686 2.48 7.47 -11.33
CA TYR A 686 3.44 8.05 -10.39
C TYR A 686 4.76 7.30 -10.45
N ALA A 687 4.69 5.97 -10.59
CA ALA A 687 5.91 5.18 -10.80
C ALA A 687 6.62 5.60 -12.09
N ALA A 688 5.85 5.84 -13.15
CA ALA A 688 6.44 6.22 -14.43
C ALA A 688 7.17 7.55 -14.32
N VAL A 689 6.51 8.56 -13.76
CA VAL A 689 7.14 9.88 -13.68
C VAL A 689 8.32 9.84 -12.73
N ALA A 690 8.22 9.09 -11.63
CA ALA A 690 9.32 9.00 -10.67
C ALA A 690 10.54 8.34 -11.29
N LEU A 691 10.37 7.16 -11.89
CA LEU A 691 11.49 6.46 -12.50
C LEU A 691 12.09 7.26 -13.65
N ARG A 692 11.24 7.87 -14.47
CA ARG A 692 11.74 8.67 -15.58
C ARG A 692 12.55 9.86 -15.08
N ASP A 693 12.07 10.54 -14.04
CA ASP A 693 12.81 11.69 -13.52
C ASP A 693 14.15 11.28 -12.94
N ARG A 694 14.17 10.17 -12.19
CA ARG A 694 15.44 9.73 -11.60
C ARG A 694 16.43 9.28 -12.67
N LEU A 695 15.95 8.56 -13.69
CA LEU A 695 16.85 8.13 -14.76
C LEU A 695 17.32 9.31 -15.60
N LEU A 696 16.46 10.31 -15.81
CA LEU A 696 16.88 11.52 -16.51
C LEU A 696 17.93 12.28 -15.71
N SER A 697 17.77 12.34 -14.39
CA SER A 697 18.79 12.97 -13.55
C SER A 697 20.11 12.21 -13.64
N TYR A 698 20.04 10.87 -13.63
CA TYR A 698 21.24 10.06 -13.79
C TYR A 698 21.92 10.34 -15.13
N GLY A 699 21.13 10.43 -16.19
CA GLY A 699 21.69 10.67 -17.51
C GLY A 699 22.30 12.06 -17.64
N GLU A 700 21.63 13.08 -17.10
CA GLU A 700 22.17 14.42 -17.12
C GLU A 700 23.46 14.51 -16.33
N LYS A 701 23.53 13.82 -15.18
CA LYS A 701 24.76 13.79 -14.41
C LYS A 701 25.86 12.99 -15.10
N ASN A 702 25.50 11.99 -15.90
CA ASN A 702 26.48 11.03 -16.36
C ASN A 702 26.66 11.03 -17.88
N GLY A 703 25.61 11.29 -18.65
CA GLY A 703 25.77 11.38 -20.10
C GLY A 703 24.94 10.42 -20.94
N VAL A 704 23.73 10.11 -20.51
CA VAL A 704 22.85 9.25 -21.28
C VAL A 704 22.12 10.08 -22.32
N ALA A 705 22.14 9.61 -23.57
CA ALA A 705 21.58 10.39 -24.68
C ALA A 705 20.05 10.42 -24.62
N GLN A 706 19.41 9.28 -24.41
CA GLN A 706 17.96 9.22 -24.48
C GLN A 706 17.41 8.29 -23.40
N VAL A 707 16.30 8.71 -22.79
CA VAL A 707 15.60 7.91 -21.78
C VAL A 707 14.11 7.94 -22.11
N ALA A 708 13.51 6.76 -22.25
CA ALA A 708 12.09 6.63 -22.54
C ALA A 708 11.47 5.57 -21.63
N VAL A 709 10.23 5.82 -21.21
CA VAL A 709 9.52 4.90 -20.32
C VAL A 709 8.16 4.57 -20.90
N PHE A 710 8.02 3.36 -21.44
CA PHE A 710 6.89 2.99 -22.27
C PHE A 710 5.81 2.30 -21.44
N ARG A 711 4.74 1.88 -22.11
CA ARG A 711 3.57 1.29 -21.47
C ARG A 711 3.25 -0.06 -22.09
N GLY A 712 2.12 -0.67 -21.69
CA GLY A 712 1.70 -1.92 -22.29
C GLY A 712 2.65 -3.07 -21.96
N GLY A 713 2.68 -4.05 -22.84
CA GLY A 713 1.88 -4.10 -24.05
C GLY A 713 2.60 -3.78 -25.34
N VAL A 714 3.92 -3.62 -25.27
CA VAL A 714 4.75 -3.30 -26.43
C VAL A 714 5.78 -4.39 -26.69
N THR A 715 6.50 -4.80 -25.65
CA THR A 715 7.53 -5.83 -25.81
C THR A 715 6.94 -7.18 -26.20
N ALA A 716 5.67 -7.44 -25.85
CA ALA A 716 5.00 -8.62 -26.35
C ALA A 716 4.90 -8.59 -27.86
N GLU A 717 4.51 -7.44 -28.42
CA GLU A 717 4.43 -7.31 -29.88
C GLU A 717 5.81 -7.37 -30.51
N ALA A 718 6.83 -6.79 -29.85
CA ALA A 718 8.18 -6.85 -30.39
C ALA A 718 8.68 -8.29 -30.45
N ARG A 719 8.43 -9.06 -29.40
CA ARG A 719 8.80 -10.48 -29.39
C ARG A 719 8.02 -11.26 -30.44
N ARG A 720 6.74 -10.92 -30.61
CA ARG A 720 5.92 -11.60 -31.62
C ARG A 720 6.47 -11.37 -33.02
N TRP A 721 6.82 -10.12 -33.34
CA TRP A 721 7.25 -9.79 -34.68
C TRP A 721 8.73 -10.07 -34.92
N LEU A 722 9.51 -10.30 -33.89
CA LEU A 722 10.91 -10.65 -34.07
C LEU A 722 11.14 -12.16 -33.97
N ASP A 723 10.05 -12.93 -33.80
CA ASP A 723 10.10 -14.39 -33.63
C ASP A 723 10.92 -14.78 -32.40
N ILE A 724 10.41 -14.37 -31.23
CA ILE A 724 10.95 -14.78 -29.95
C ILE A 724 9.86 -15.50 -29.18
N SER A 725 10.12 -16.73 -28.76
CA SER A 725 9.19 -17.51 -27.98
C SER A 725 9.88 -18.01 -26.73
N ILE A 726 9.30 -17.71 -25.56
CA ILE A 726 9.87 -18.16 -24.29
C ILE A 726 9.82 -19.68 -24.20
N GLU A 727 8.72 -20.27 -24.68
CA GLU A 727 8.59 -21.73 -24.67
C GLU A 727 9.68 -22.38 -25.52
N ARG A 728 9.98 -21.79 -26.68
CA ARG A 728 11.07 -22.31 -27.50
C ARG A 728 12.43 -21.94 -26.92
N LEU A 729 12.53 -20.78 -26.27
CA LEU A 729 13.83 -20.32 -25.80
C LEU A 729 14.33 -21.15 -24.62
N PHE A 730 13.47 -21.37 -23.62
CA PHE A 730 13.87 -22.06 -22.41
C PHE A 730 13.41 -23.51 -22.35
N SER A 731 12.86 -24.03 -23.44
CA SER A 731 12.37 -25.41 -23.54
C SER A 731 11.39 -25.72 -22.41
N ARG A 732 10.27 -25.02 -22.43
CA ARG A 732 9.21 -25.18 -21.44
C ARG A 732 8.03 -25.91 -22.08
N VAL A 733 7.58 -26.98 -21.43
CA VAL A 733 6.47 -27.77 -21.98
C VAL A 733 5.16 -26.98 -21.89
N ALA A 734 4.16 -27.46 -22.63
CA ALA A 734 2.87 -26.80 -22.69
C ALA A 734 2.04 -27.19 -21.48
N ILE A 735 1.87 -26.26 -20.55
CA ILE A 735 1.07 -26.54 -19.35
C ILE A 735 -0.40 -26.68 -19.70
N PHE A 736 -0.89 -25.87 -20.63
CA PHE A 736 -2.28 -25.94 -21.04
C PHE A 736 -2.50 -27.09 -22.01
N ALA A 737 -3.72 -27.62 -22.00
CA ALA A 737 -4.07 -28.68 -22.96
C ALA A 737 -4.05 -28.16 -24.39
N GLN A 738 -4.60 -26.96 -24.61
CA GLN A 738 -4.55 -26.31 -25.91
C GLN A 738 -3.44 -25.27 -25.92
N SER A 739 -2.93 -24.98 -27.12
CA SER A 739 -1.84 -24.04 -27.32
C SER A 739 -0.59 -24.45 -26.54
N THR A 740 0.25 -23.48 -26.21
CA THR A 740 1.48 -23.71 -25.46
C THR A 740 1.39 -23.03 -24.10
N SER A 741 2.50 -23.08 -23.37
CA SER A 741 2.53 -22.55 -22.01
C SER A 741 2.39 -21.03 -22.01
N THR A 742 1.86 -20.50 -20.91
CA THR A 742 1.61 -19.08 -20.79
C THR A 742 2.93 -18.32 -20.72
N LYS A 743 2.89 -17.06 -21.17
CA LYS A 743 4.07 -16.19 -21.16
C LYS A 743 4.66 -16.04 -19.77
N ARG A 744 3.83 -16.13 -18.74
CA ARG A 744 4.26 -15.87 -17.37
C ARG A 744 4.74 -17.13 -16.63
N LEU A 745 4.81 -18.27 -17.32
CA LEU A 745 5.20 -19.50 -16.63
C LEU A 745 6.64 -19.44 -16.13
N ASP A 746 7.57 -19.04 -16.98
CA ASP A 746 8.96 -18.88 -16.57
C ASP A 746 9.19 -17.47 -16.08
N ARG A 747 10.22 -17.30 -15.25
CA ARG A 747 10.53 -16.00 -14.67
C ARG A 747 11.61 -15.25 -15.43
N ARG A 748 12.38 -15.92 -16.29
CA ARG A 748 13.39 -15.24 -17.08
C ARG A 748 12.79 -14.46 -18.24
N HIS A 749 11.49 -14.59 -18.47
CA HIS A 749 10.84 -13.83 -19.53
C HIS A 749 10.88 -12.34 -19.26
N HIS A 750 10.99 -11.92 -17.99
CA HIS A 750 11.17 -10.50 -17.69
C HIS A 750 12.49 -9.99 -18.25
N ALA A 751 13.57 -10.73 -18.03
CA ALA A 751 14.86 -10.31 -18.58
C ALA A 751 14.90 -10.42 -20.09
N VAL A 752 14.18 -11.41 -20.65
CA VAL A 752 14.06 -11.51 -22.10
C VAL A 752 13.36 -10.28 -22.66
N ASP A 753 12.27 -9.85 -21.99
CA ASP A 753 11.57 -8.64 -22.40
C ASP A 753 12.46 -7.41 -22.25
N ALA A 754 13.32 -7.38 -21.24
CA ALA A 754 14.27 -6.28 -21.11
C ALA A 754 15.25 -6.25 -22.29
N VAL A 755 15.75 -7.43 -22.68
CA VAL A 755 16.66 -7.52 -23.83
C VAL A 755 15.97 -7.02 -25.09
N VAL A 756 14.72 -7.45 -25.30
CA VAL A 756 13.98 -7.02 -26.48
C VAL A 756 13.65 -5.54 -26.41
N LEU A 757 13.41 -5.02 -25.20
CA LEU A 757 13.16 -3.59 -25.01
C LEU A 757 14.37 -2.77 -25.42
N THR A 758 15.57 -3.28 -25.16
CA THR A 758 16.80 -2.57 -25.51
C THR A 758 16.81 -2.15 -26.97
N THR A 759 16.22 -2.95 -27.86
CA THR A 759 16.19 -2.60 -29.27
C THR A 759 15.22 -1.47 -29.58
N LEU A 760 14.14 -1.36 -28.81
CA LEU A 760 13.03 -0.49 -29.18
C LEU A 760 13.41 0.99 -29.15
N THR A 761 12.76 1.76 -30.01
CA THR A 761 12.83 3.20 -30.09
C THR A 761 11.40 3.74 -30.08
N PRO A 762 11.19 5.01 -29.69
CA PRO A 762 9.81 5.51 -29.57
C PRO A 762 8.97 5.40 -30.83
N GLY A 763 9.56 5.60 -32.02
CA GLY A 763 8.78 5.52 -33.23
C GLY A 763 8.28 4.11 -33.53
N VAL A 764 9.19 3.14 -33.46
CA VAL A 764 8.78 1.76 -33.73
C VAL A 764 7.85 1.26 -32.63
N ALA A 765 8.04 1.74 -31.40
CA ALA A 765 7.12 1.40 -30.32
C ALA A 765 5.73 1.95 -30.59
N LYS A 766 5.65 3.18 -31.10
CA LYS A 766 4.35 3.74 -31.47
C LYS A 766 3.69 2.95 -32.58
N THR A 767 4.47 2.54 -33.59
CA THR A 767 3.92 1.74 -34.67
C THR A 767 3.40 0.39 -34.15
N LEU A 768 4.17 -0.26 -33.28
CA LEU A 768 3.74 -1.55 -32.74
C LEU A 768 2.50 -1.42 -31.88
N ALA A 769 2.44 -0.37 -31.06
CA ALA A 769 1.25 -0.14 -30.23
C ALA A 769 0.03 0.13 -31.09
N ASP A 770 0.18 0.91 -32.16
CA ASP A 770 -0.93 1.16 -33.07
C ASP A 770 -1.38 -0.13 -33.75
N ALA A 771 -0.44 -0.98 -34.17
CA ALA A 771 -0.79 -2.24 -34.79
C ALA A 771 -1.53 -3.15 -33.82
N ARG A 772 -1.08 -3.19 -32.56
CA ARG A 772 -1.77 -3.98 -31.55
C ARG A 772 -3.18 -3.45 -31.33
N SER A 773 -3.34 -2.13 -31.25
CA SER A 773 -4.67 -1.55 -31.05
C SER A 773 -5.60 -1.87 -32.20
N ARG A 774 -5.10 -1.81 -33.43
CA ARG A 774 -5.92 -2.15 -34.58
C ARG A 774 -6.26 -3.63 -34.60
N ARG A 775 -5.32 -4.49 -34.20
CA ARG A 775 -5.53 -5.93 -34.30
C ARG A 775 -6.53 -6.42 -33.25
N VAL A 776 -6.40 -5.93 -32.01
CA VAL A 776 -7.26 -6.42 -30.94
C VAL A 776 -8.71 -5.96 -31.08
N SER A 777 -8.99 -5.04 -32.00
CA SER A 777 -10.36 -4.58 -32.26
C SER A 777 -11.04 -5.54 -33.25
N ALA A 778 -11.13 -6.81 -32.83
CA ALA A 778 -11.72 -7.85 -33.66
C ALA A 778 -12.30 -8.97 -32.80
N SER A 791 -6.38 -9.05 -39.86
CA SER A 791 -6.15 -10.07 -38.84
C SER A 791 -5.49 -11.30 -39.44
N THR A 792 -4.17 -11.38 -39.36
CA THR A 792 -3.30 -10.38 -38.74
C THR A 792 -2.76 -9.41 -39.79
N GLU A 793 -2.47 -8.19 -39.36
CA GLU A 793 -2.01 -7.12 -40.25
C GLU A 793 -0.55 -6.82 -39.97
N GLU A 794 0.31 -7.05 -40.95
CA GLU A 794 1.73 -6.73 -40.80
C GLU A 794 1.92 -5.22 -40.73
N PRO A 795 2.68 -4.72 -39.76
CA PRO A 795 3.00 -3.29 -39.76
C PRO A 795 3.88 -2.91 -40.94
N GLN A 796 3.70 -1.69 -41.43
CA GLN A 796 4.39 -1.22 -42.61
C GLN A 796 4.89 0.20 -42.36
N SER A 797 6.20 0.34 -42.16
CA SER A 797 6.85 1.64 -42.02
C SER A 797 8.35 1.45 -42.21
N PRO A 798 9.07 2.47 -42.67
CA PRO A 798 10.55 2.35 -42.75
C PRO A 798 11.20 2.10 -41.40
N ALA A 799 10.65 2.68 -40.32
CA ALA A 799 11.21 2.43 -38.99
C ALA A 799 11.05 0.98 -38.59
N TYR A 800 9.88 0.39 -38.84
CA TYR A 800 9.64 -1.01 -38.49
C TYR A 800 10.56 -1.93 -39.27
N ARG A 801 10.72 -1.67 -40.58
CA ARG A 801 11.62 -2.48 -41.39
C ARG A 801 13.07 -2.33 -40.93
N GLN A 802 13.47 -1.10 -40.59
CA GLN A 802 14.83 -0.89 -40.09
C GLN A 802 15.07 -1.63 -38.79
N TRP A 803 14.08 -1.61 -37.89
CA TRP A 803 14.21 -2.34 -36.63
C TRP A 803 14.28 -3.85 -36.89
N LYS A 804 13.42 -4.36 -37.76
CA LYS A 804 13.34 -5.80 -37.97
C LYS A 804 14.60 -6.35 -38.62
N GLU A 805 15.10 -5.67 -39.67
CA GLU A 805 16.33 -6.14 -40.30
C GLU A 805 17.59 -5.66 -39.59
N SER A 806 17.46 -4.82 -38.56
CA SER A 806 18.58 -4.50 -37.69
C SER A 806 18.54 -5.30 -36.39
N CYS A 807 17.60 -6.23 -36.26
CA CYS A 807 17.48 -7.04 -35.05
C CYS A 807 17.13 -8.48 -35.38
N SER A 808 17.59 -8.97 -36.53
CA SER A 808 17.32 -10.35 -36.92
C SER A 808 18.17 -11.33 -36.13
N GLY A 809 19.35 -10.92 -35.68
CA GLY A 809 20.23 -11.76 -34.90
C GLY A 809 19.92 -11.82 -33.42
N LEU A 810 18.86 -11.14 -32.98
CA LEU A 810 18.49 -11.18 -31.58
C LEU A 810 18.00 -12.56 -31.17
N GLY A 811 17.35 -13.28 -32.09
CA GLY A 811 16.96 -14.66 -31.79
C GLY A 811 18.16 -15.54 -31.52
N ASP A 812 19.19 -15.42 -32.37
CA ASP A 812 20.41 -16.19 -32.16
C ASP A 812 21.10 -15.79 -30.86
N LEU A 813 21.13 -14.48 -30.56
CA LEU A 813 21.74 -14.03 -29.30
C LEU A 813 21.00 -14.58 -28.09
N LEU A 814 19.67 -14.57 -28.13
CA LEU A 814 18.87 -15.11 -27.03
C LEU A 814 19.05 -16.61 -26.89
N ILE A 815 19.11 -17.33 -28.01
CA ILE A 815 19.31 -18.78 -27.96
C ILE A 815 20.67 -19.10 -27.35
N SER A 816 21.71 -18.38 -27.79
CA SER A 816 23.05 -18.62 -27.26
C SER A 816 23.15 -18.24 -25.79
N THR A 817 22.43 -17.20 -25.37
CA THR A 817 22.47 -16.78 -23.98
C THR A 817 21.75 -17.78 -23.08
N ALA A 818 20.55 -18.21 -23.49
CA ALA A 818 19.79 -19.17 -22.68
C ALA A 818 20.48 -20.51 -22.62
N ALA A 819 21.06 -20.95 -23.74
CA ALA A 819 21.79 -22.22 -23.74
C ALA A 819 23.07 -22.16 -22.94
N ARG A 820 23.58 -20.95 -22.67
CA ARG A 820 24.73 -20.77 -21.79
C ARG A 820 24.35 -20.72 -20.32
N ASP A 821 23.06 -20.64 -20.02
CA ASP A 821 22.54 -20.49 -18.65
C ASP A 821 23.14 -19.26 -17.98
N SER A 822 22.81 -18.11 -18.55
CA SER A 822 23.27 -16.82 -18.04
C SER A 822 22.14 -15.91 -17.58
N ILE A 823 20.96 -16.00 -18.19
CA ILE A 823 19.80 -15.25 -17.72
C ILE A 823 19.38 -15.84 -16.38
N ALA A 824 19.45 -15.03 -15.32
CA ALA A 824 19.23 -15.50 -13.96
C ALA A 824 17.95 -14.92 -13.39
N VAL A 825 17.43 -15.60 -12.37
CA VAL A 825 16.32 -15.11 -11.57
C VAL A 825 16.78 -15.10 -10.12
N ALA A 826 16.74 -13.92 -9.49
CA ALA A 826 17.30 -13.73 -8.17
C ALA A 826 16.31 -12.99 -7.27
N ALA A 827 16.58 -13.05 -5.97
CA ALA A 827 15.80 -12.34 -4.97
C ALA A 827 16.78 -11.64 -4.02
N PRO A 828 16.56 -10.37 -3.71
CA PRO A 828 17.47 -9.68 -2.79
C PRO A 828 17.34 -10.20 -1.36
N LEU A 829 18.43 -10.10 -0.62
CA LEU A 829 18.50 -10.64 0.72
C LEU A 829 17.95 -9.63 1.74
N ARG A 830 17.23 -10.14 2.72
CA ARG A 830 16.85 -9.36 3.90
C ARG A 830 17.76 -9.77 5.05
N LEU A 831 18.81 -9.00 5.27
CA LEU A 831 19.80 -9.33 6.28
C LEU A 831 19.68 -8.48 7.54
N ARG A 832 18.90 -7.41 7.51
CA ARG A 832 18.77 -6.56 8.68
C ARG A 832 17.95 -7.26 9.76
N PRO A 833 18.47 -7.38 10.98
CA PRO A 833 17.74 -8.08 12.06
C PRO A 833 16.69 -7.20 12.71
N THR A 834 15.71 -6.77 11.92
CA THR A 834 14.59 -5.98 12.42
C THR A 834 13.29 -6.62 11.98
N GLY A 835 12.23 -6.31 12.70
CA GLY A 835 10.91 -6.84 12.49
C GLY A 835 10.28 -7.24 13.80
N ALA A 836 9.20 -8.00 13.72
CA ALA A 836 8.56 -8.51 14.92
C ALA A 836 9.47 -9.53 15.58
N LEU A 837 9.70 -9.35 16.89
CA LEU A 837 10.60 -10.25 17.60
C LEU A 837 9.92 -11.55 18.02
N HIS A 838 8.62 -11.50 18.27
CA HIS A 838 7.88 -12.68 18.72
C HIS A 838 6.47 -12.59 18.17
N GLU A 839 5.74 -13.69 18.30
CA GLU A 839 4.34 -13.69 17.91
C GLU A 839 3.56 -12.76 18.84
N GLU A 840 2.49 -12.18 18.31
CA GLU A 840 1.85 -11.07 19.02
C GLU A 840 0.96 -11.56 20.15
N THR A 841 0.68 -12.84 20.22
CA THR A 841 -0.21 -13.38 21.26
C THR A 841 0.60 -13.86 22.45
N LEU A 842 0.35 -13.29 23.62
CA LEU A 842 0.95 -13.77 24.85
C LEU A 842 0.24 -15.03 25.31
N ARG A 843 0.95 -15.87 26.04
CA ARG A 843 0.41 -17.16 26.43
C ARG A 843 0.72 -17.43 27.90
N ALA A 844 -0.19 -18.17 28.54
CA ALA A 844 -0.09 -18.43 29.96
C ALA A 844 1.02 -19.45 30.23
N PHE A 845 1.82 -19.18 31.25
CA PHE A 845 2.86 -20.13 31.63
C PHE A 845 2.23 -21.40 32.17
N SER A 846 2.78 -22.54 31.77
CA SER A 846 2.50 -23.78 32.45
C SER A 846 3.39 -23.89 33.69
N GLU A 847 3.04 -24.80 34.58
CA GLU A 847 3.72 -24.81 35.87
C GLU A 847 4.04 -26.26 36.21
N HIS A 848 5.17 -26.49 36.87
CA HIS A 848 5.63 -27.86 37.12
C HIS A 848 6.53 -27.92 38.35
N THR A 849 6.38 -28.97 39.16
CA THR A 849 7.15 -29.12 40.39
C THR A 849 8.58 -29.60 40.11
N VAL A 850 9.47 -29.27 41.04
CA VAL A 850 10.87 -29.65 40.89
C VAL A 850 11.05 -31.17 41.06
N GLY A 851 10.44 -31.72 42.10
CA GLY A 851 10.73 -33.09 42.48
C GLY A 851 9.81 -34.13 41.88
N ALA A 852 9.43 -33.95 40.63
CA ALA A 852 8.61 -34.91 39.90
C ALA A 852 9.42 -35.54 38.77
N ALA A 853 8.74 -36.38 38.00
CA ALA A 853 9.35 -37.00 36.84
C ALA A 853 9.32 -36.02 35.67
N TRP A 854 10.48 -35.71 35.12
CA TRP A 854 10.60 -34.68 34.08
C TRP A 854 10.96 -35.35 32.76
N LYS A 855 10.17 -35.07 31.74
CA LYS A 855 10.46 -35.55 30.39
C LYS A 855 11.43 -34.60 29.70
N GLY A 856 11.82 -34.94 28.47
CA GLY A 856 12.66 -34.04 27.70
C GLY A 856 11.93 -32.78 27.28
N ALA A 857 10.66 -32.92 26.89
CA ALA A 857 9.86 -31.75 26.52
C ALA A 857 9.67 -30.85 27.73
N GLU A 858 9.46 -31.42 28.91
CA GLU A 858 9.31 -30.62 30.12
C GLU A 858 10.61 -29.90 30.47
N LEU A 859 11.75 -30.53 30.23
CA LEU A 859 13.02 -29.84 30.42
C LEU A 859 13.19 -28.70 29.42
N ARG A 860 12.72 -28.88 28.19
CA ARG A 860 12.91 -27.85 27.17
C ARG A 860 11.99 -26.65 27.35
N ARG A 861 10.94 -26.77 28.15
CA ARG A 861 9.98 -25.69 28.34
C ARG A 861 10.30 -24.79 29.53
N ILE A 862 11.45 -25.00 30.19
CA ILE A 862 11.83 -24.17 31.32
C ILE A 862 12.01 -22.72 30.87
N VAL A 863 11.41 -21.79 31.61
CA VAL A 863 11.40 -20.40 31.19
C VAL A 863 12.67 -19.68 31.60
N GLU A 864 13.07 -19.81 32.86
CA GLU A 864 14.19 -19.03 33.38
C GLU A 864 15.51 -19.66 32.96
N PRO A 865 16.41 -18.90 32.33
CA PRO A 865 17.69 -19.48 31.87
C PRO A 865 18.56 -20.07 32.97
N GLU A 866 18.56 -19.48 34.18
CA GLU A 866 19.46 -19.94 35.23
C GLU A 866 19.06 -21.33 35.73
N VAL A 867 17.77 -21.52 36.03
CA VAL A 867 17.30 -22.84 36.43
C VAL A 867 17.39 -23.82 35.26
N TYR A 868 17.27 -23.32 34.02
CA TYR A 868 17.45 -24.18 32.85
C TYR A 868 18.86 -24.76 32.82
N ALA A 869 19.86 -23.90 33.00
CA ALA A 869 21.24 -24.36 33.01
C ALA A 869 21.51 -25.25 34.23
N ALA A 870 20.87 -24.95 35.36
CA ALA A 870 21.02 -25.80 36.54
C ALA A 870 20.50 -27.21 36.28
N PHE A 871 19.34 -27.32 35.64
CA PHE A 871 18.82 -28.63 35.27
C PHE A 871 19.72 -29.32 34.24
N LEU A 872 20.27 -28.56 33.30
CA LEU A 872 21.21 -29.15 32.34
C LEU A 872 22.41 -29.75 33.05
N ALA A 873 22.95 -29.03 34.03
CA ALA A 873 24.03 -29.59 34.84
C ALA A 873 23.55 -30.79 35.65
N LEU A 874 22.28 -30.78 36.07
CA LEU A 874 21.75 -31.90 36.85
C LEU A 874 21.72 -33.18 36.02
N THR A 875 21.24 -33.10 34.77
CA THR A 875 21.27 -34.27 33.91
C THR A 875 22.71 -34.67 33.58
N ASP A 876 23.55 -33.69 33.25
CA ASP A 876 24.98 -33.89 33.01
C ASP A 876 25.79 -32.63 33.29
N PRO A 877 26.71 -32.69 34.26
CA PRO A 877 27.45 -31.48 34.64
C PRO A 877 28.28 -30.88 33.51
N GLY A 878 28.87 -31.72 32.66
CA GLY A 878 29.67 -31.23 31.56
C GLY A 878 28.89 -30.83 30.33
N GLY A 879 27.59 -31.13 30.29
CA GLY A 879 26.77 -30.85 29.13
C GLY A 879 26.43 -29.38 29.00
N ARG A 880 26.96 -28.73 27.97
CA ARG A 880 26.65 -27.33 27.71
C ARG A 880 25.25 -27.13 27.14
N PHE A 881 24.68 -28.16 26.52
CA PHE A 881 23.38 -28.02 25.88
C PHE A 881 22.41 -29.07 26.40
N LEU A 882 21.23 -29.15 25.79
CA LEU A 882 20.21 -30.13 26.16
C LEU A 882 20.00 -31.07 24.98
N LYS A 883 20.22 -32.35 25.19
CA LYS A 883 20.13 -33.36 24.14
C LYS A 883 19.19 -34.48 24.61
N VAL A 884 17.88 -34.25 24.44
CA VAL A 884 16.86 -35.18 24.90
C VAL A 884 15.76 -35.25 23.87
N SER A 885 15.19 -36.45 23.71
CA SER A 885 13.99 -36.59 22.91
C SER A 885 12.81 -35.96 23.64
N PRO A 886 11.80 -35.46 22.91
CA PRO A 886 10.62 -34.89 23.56
C PRO A 886 9.90 -35.85 24.49
N SER A 887 9.48 -37.01 23.97
CA SER A 887 8.70 -37.95 24.74
C SER A 887 9.53 -38.81 25.69
N GLU A 888 10.85 -38.81 25.53
CA GLU A 888 11.70 -39.67 26.35
C GLU A 888 11.72 -39.21 27.80
N ASP A 889 11.55 -40.16 28.71
CA ASP A 889 11.63 -39.89 30.14
C ASP A 889 13.09 -39.87 30.56
N VAL A 890 13.54 -38.74 31.11
CA VAL A 890 14.94 -38.53 31.44
C VAL A 890 15.19 -38.28 32.91
N LEU A 891 14.19 -37.88 33.69
CA LEU A 891 14.38 -37.54 35.10
C LEU A 891 13.34 -38.26 35.93
N PRO A 892 13.75 -39.02 36.94
CA PRO A 892 12.78 -39.64 37.85
C PRO A 892 12.30 -38.63 38.89
N ALA A 893 11.48 -39.12 39.82
CA ALA A 893 10.96 -38.30 40.91
C ALA A 893 11.89 -38.43 42.11
N ASP A 894 12.65 -37.37 42.38
CA ASP A 894 13.57 -37.35 43.52
C ASP A 894 12.95 -36.51 44.64
N GLU A 895 12.82 -37.12 45.81
CA GLU A 895 12.22 -36.44 46.95
C GLU A 895 13.20 -35.53 47.68
N ASN A 896 14.49 -35.60 47.34
CA ASN A 896 15.50 -34.75 47.96
C ASN A 896 16.15 -33.79 46.96
N ARG A 897 15.52 -33.59 45.80
CA ARG A 897 16.10 -32.76 44.75
C ARG A 897 16.09 -31.29 45.14
N HIS A 898 17.21 -30.80 45.63
CA HIS A 898 17.40 -29.39 45.94
C HIS A 898 18.42 -28.80 44.97
N ILE A 899 18.04 -27.73 44.29
CA ILE A 899 18.87 -27.15 43.24
C ILE A 899 19.37 -25.80 43.74
N VAL A 900 20.68 -25.64 43.80
CA VAL A 900 21.30 -24.40 44.24
C VAL A 900 21.33 -23.42 43.07
N LEU A 901 20.92 -22.18 43.34
CA LEU A 901 20.89 -21.12 42.35
C LEU A 901 21.80 -19.98 42.81
N SER A 902 21.75 -18.87 42.06
CA SER A 902 22.57 -17.72 42.43
C SER A 902 21.99 -16.99 43.63
N ASP A 903 20.67 -16.82 43.68
CA ASP A 903 20.03 -15.99 44.68
C ASP A 903 18.97 -16.72 45.50
N ARG A 904 18.74 -18.01 45.26
CA ARG A 904 17.60 -18.70 45.84
C ARG A 904 17.89 -20.19 45.82
N VAL A 905 16.94 -20.99 46.32
CA VAL A 905 16.98 -22.43 46.23
C VAL A 905 15.58 -22.92 45.86
N LEU A 906 15.50 -24.08 45.24
CA LEU A 906 14.23 -24.70 44.87
C LEU A 906 14.10 -26.01 45.64
N GLY A 907 13.03 -26.12 46.43
CA GLY A 907 12.75 -27.35 47.14
C GLY A 907 12.09 -28.37 46.24
N PRO A 908 11.92 -29.60 46.74
CA PRO A 908 11.22 -30.62 45.97
C PRO A 908 9.77 -30.24 45.69
N ARG A 909 9.16 -29.50 46.60
CA ARG A 909 7.80 -29.01 46.42
C ARG A 909 7.74 -27.67 45.71
N ASP A 910 8.89 -27.06 45.42
CA ASP A 910 8.89 -25.76 44.77
C ASP A 910 8.48 -25.90 43.31
N ARG A 911 7.83 -24.86 42.81
CA ARG A 911 7.24 -24.86 41.49
C ARG A 911 8.07 -24.07 40.49
N VAL A 912 8.06 -24.52 39.24
CA VAL A 912 8.91 -23.96 38.17
C VAL A 912 8.01 -23.56 37.00
N LYS A 913 8.22 -22.35 36.48
CA LYS A 913 7.47 -21.87 35.33
C LYS A 913 7.88 -22.62 34.06
N LEU A 914 6.89 -22.96 33.25
CA LEU A 914 7.10 -23.66 31.99
C LEU A 914 6.39 -22.92 30.86
N PHE A 915 6.99 -22.97 29.67
CA PHE A 915 6.30 -22.48 28.49
C PHE A 915 5.13 -23.41 28.16
N PRO A 916 4.01 -22.86 27.68
CA PRO A 916 2.82 -23.70 27.49
C PRO A 916 2.98 -24.83 26.49
N ASP A 917 3.80 -24.65 25.46
CA ASP A 917 3.97 -25.65 24.41
C ASP A 917 5.45 -25.89 24.17
N ASP A 918 5.74 -27.00 23.48
CA ASP A 918 7.12 -27.40 23.19
C ASP A 918 7.55 -26.86 21.84
N ARG A 919 7.67 -25.54 21.77
CA ARG A 919 8.16 -24.85 20.60
C ARG A 919 8.88 -23.60 21.06
N GLY A 920 9.57 -22.94 20.13
CA GLY A 920 10.34 -21.76 20.45
C GLY A 920 9.50 -20.65 21.06
N SER A 921 9.90 -20.19 22.24
CA SER A 921 9.13 -19.20 22.97
C SER A 921 10.08 -18.37 23.82
N ILE A 922 9.63 -17.17 24.19
CA ILE A 922 10.40 -16.26 25.03
C ILE A 922 9.48 -15.65 26.07
N ARG A 923 10.09 -15.01 27.07
CA ARG A 923 9.38 -14.35 28.15
C ARG A 923 9.28 -12.86 27.84
N VAL A 924 8.06 -12.37 27.66
CA VAL A 924 7.79 -10.95 27.47
C VAL A 924 6.62 -10.53 28.35
N ARG A 925 6.85 -9.53 29.20
CA ARG A 925 5.81 -8.93 30.04
C ARG A 925 5.11 -9.97 30.91
N GLY A 926 5.89 -10.83 31.55
CA GLY A 926 5.33 -11.84 32.44
C GLY A 926 4.45 -12.86 31.74
N GLY A 927 4.77 -13.19 30.49
CA GLY A 927 4.00 -14.14 29.73
C GLY A 927 4.90 -14.88 28.78
N ALA A 928 4.28 -15.72 27.95
CA ALA A 928 5.00 -16.50 26.95
C ALA A 928 4.52 -16.11 25.57
N ALA A 929 5.46 -15.86 24.65
CA ALA A 929 5.14 -15.56 23.27
C ALA A 929 5.96 -16.45 22.37
N TYR A 930 5.31 -17.05 21.36
CA TYR A 930 6.03 -17.86 20.39
C TYR A 930 6.97 -16.98 19.58
N ILE A 931 8.10 -17.57 19.17
CA ILE A 931 9.02 -16.83 18.32
C ILE A 931 8.40 -16.64 16.93
N ALA A 932 8.84 -15.58 16.27
CA ALA A 932 8.33 -15.25 14.94
C ALA A 932 9.05 -16.11 13.90
N SER A 933 8.89 -15.77 12.62
CA SER A 933 9.58 -16.49 11.56
C SER A 933 11.08 -16.35 11.71
N PHE A 934 11.81 -17.27 11.08
CA PHE A 934 13.25 -17.34 11.27
C PHE A 934 13.94 -16.31 10.41
N HIS A 935 14.83 -15.53 11.02
CA HIS A 935 15.66 -14.60 10.26
C HIS A 935 16.61 -15.36 9.35
N HIS A 936 17.33 -16.34 9.89
CA HIS A 936 18.29 -17.09 9.12
C HIS A 936 18.40 -18.50 9.69
N ALA A 937 19.41 -19.23 9.23
CA ALA A 937 19.63 -20.60 9.69
C ALA A 937 21.11 -20.92 9.47
N ARG A 938 21.89 -20.88 10.56
CA ARG A 938 23.31 -21.14 10.48
C ARG A 938 23.57 -22.59 10.10
N VAL A 939 24.26 -22.79 8.98
CA VAL A 939 24.52 -24.14 8.48
C VAL A 939 25.69 -24.73 9.24
N PHE A 940 25.48 -25.91 9.83
CA PHE A 940 26.52 -26.63 10.55
C PHE A 940 26.82 -27.93 9.81
N ARG A 941 28.10 -28.19 9.58
CA ARG A 941 28.54 -29.37 8.85
C ARG A 941 29.66 -30.04 9.62
N TRP A 942 29.49 -31.35 9.87
CA TRP A 942 30.47 -32.13 10.62
C TRP A 942 30.60 -33.50 9.98
N GLY A 943 31.74 -34.14 10.22
CA GLY A 943 31.96 -35.51 9.80
C GLY A 943 33.18 -35.64 8.93
N SER A 944 33.24 -36.74 8.19
CA SER A 944 34.35 -37.00 7.31
C SER A 944 34.20 -36.24 6.00
N SER A 945 35.33 -36.02 5.32
CA SER A 945 35.32 -35.27 4.07
C SER A 945 34.67 -36.05 2.93
N HIS A 946 34.55 -37.37 3.05
CA HIS A 946 33.90 -38.15 2.01
C HIS A 946 32.42 -37.81 1.89
N SER A 947 31.73 -37.73 3.03
CA SER A 947 30.30 -37.39 3.04
C SER A 947 29.91 -36.88 4.42
N PRO A 948 30.05 -35.59 4.69
CA PRO A 948 29.70 -35.05 6.01
C PRO A 948 28.19 -34.82 6.12
N SER A 949 27.74 -34.70 7.36
CA SER A 949 26.34 -34.45 7.67
C SER A 949 26.10 -32.95 7.81
N PHE A 950 24.84 -32.55 7.63
CA PHE A 950 24.46 -31.15 7.65
C PHE A 950 23.24 -30.96 8.53
N ALA A 951 23.24 -29.88 9.31
CA ALA A 951 22.09 -29.50 10.10
C ALA A 951 22.03 -27.97 10.19
N LEU A 952 20.83 -27.46 10.36
CA LEU A 952 20.57 -26.02 10.41
C LEU A 952 20.22 -25.60 11.82
N LEU A 953 20.85 -24.52 12.28
CA LEU A 953 20.47 -23.86 13.53
C LEU A 953 19.51 -22.72 13.16
N ARG A 954 18.21 -23.01 13.19
CA ARG A 954 17.22 -22.03 12.80
C ARG A 954 17.12 -20.93 13.85
N VAL A 955 17.32 -19.69 13.41
CA VAL A 955 17.40 -18.53 14.31
C VAL A 955 16.34 -17.52 13.92
N SER A 956 15.54 -17.09 14.88
CA SER A 956 14.58 -16.02 14.68
C SER A 956 15.10 -14.74 15.33
N LEU A 957 14.26 -13.71 15.33
CA LEU A 957 14.65 -12.45 15.94
C LEU A 957 14.64 -12.51 17.46
N ALA A 958 13.76 -13.34 18.03
CA ALA A 958 13.72 -13.48 19.49
C ALA A 958 15.03 -14.04 20.03
N ASP A 959 15.65 -14.96 19.30
CA ASP A 959 16.91 -15.55 19.75
C ASP A 959 18.03 -14.51 19.80
N LEU A 960 18.05 -13.59 18.84
CA LEU A 960 19.01 -12.49 18.90
C LEU A 960 18.62 -11.45 19.95
N ALA A 961 17.32 -11.27 20.20
CA ALA A 961 16.88 -10.29 21.18
C ALA A 961 17.26 -10.71 22.60
N VAL A 962 16.95 -11.95 22.97
CA VAL A 962 17.23 -12.41 24.32
C VAL A 962 18.71 -12.65 24.57
N ALA A 963 19.51 -12.78 23.51
CA ALA A 963 20.95 -12.92 23.65
C ALA A 963 21.66 -11.58 23.75
N GLY A 964 20.92 -10.48 23.76
CA GLY A 964 21.50 -9.16 23.80
C GLY A 964 22.27 -8.79 22.55
N LEU A 965 21.79 -9.21 21.39
CA LEU A 965 22.50 -8.99 20.13
C LEU A 965 21.82 -8.00 19.20
N LEU A 966 20.65 -7.48 19.53
CA LEU A 966 20.04 -6.43 18.72
C LEU A 966 20.60 -5.06 19.13
N ARG A 967 21.92 -4.96 19.01
CA ARG A 967 22.64 -3.75 19.36
C ARG A 967 23.57 -3.35 18.22
N ASP A 968 24.43 -2.37 18.46
CA ASP A 968 25.35 -1.91 17.42
C ASP A 968 26.63 -2.73 17.43
N GLY A 969 27.23 -2.85 16.25
CA GLY A 969 28.54 -3.49 16.13
C GLY A 969 28.58 -4.97 16.43
N VAL A 970 27.61 -5.73 15.92
CA VAL A 970 27.59 -7.17 16.12
C VAL A 970 27.15 -7.83 14.82
N ASP A 971 27.70 -9.02 14.56
CA ASP A 971 27.37 -9.81 13.38
C ASP A 971 26.31 -10.83 13.77
N VAL A 972 25.07 -10.60 13.33
CA VAL A 972 23.96 -11.46 13.74
C VAL A 972 24.01 -12.84 13.13
N PHE A 973 24.89 -13.07 12.15
CA PHE A 973 25.02 -14.38 11.54
C PHE A 973 26.19 -15.18 12.08
N THR A 974 27.00 -14.60 12.97
CA THR A 974 28.19 -15.28 13.45
C THR A 974 28.24 -15.27 14.99
N ALA A 975 27.68 -14.22 15.59
CA ALA A 975 27.67 -14.13 17.05
C ALA A 975 26.82 -15.25 17.64
N GLU A 976 27.40 -15.98 18.59
CA GLU A 976 26.78 -17.20 19.09
C GLU A 976 25.57 -16.87 19.98
N LEU A 977 24.68 -17.85 20.08
CA LEU A 977 23.53 -17.76 20.94
C LEU A 977 23.75 -18.64 22.17
N PRO A 978 23.41 -18.19 23.36
CA PRO A 978 23.58 -19.02 24.54
C PRO A 978 22.68 -20.23 24.48
N PRO A 979 23.06 -21.33 25.13
CA PRO A 979 22.33 -22.59 24.97
C PRO A 979 20.87 -22.54 25.41
N TRP A 980 20.49 -21.59 26.26
CA TRP A 980 19.12 -21.51 26.71
C TRP A 980 18.20 -20.83 25.70
N THR A 981 18.74 -20.30 24.61
CA THR A 981 17.94 -19.63 23.61
C THR A 981 17.01 -20.62 22.90
N PRO A 982 15.87 -20.15 22.40
CA PRO A 982 14.96 -21.07 21.69
C PRO A 982 15.58 -21.70 20.45
N ALA A 983 16.59 -21.07 19.84
CA ALA A 983 17.22 -21.66 18.67
C ALA A 983 18.02 -22.90 19.05
N TRP A 984 18.86 -22.80 20.09
CA TRP A 984 19.62 -23.96 20.54
C TRP A 984 18.76 -24.96 21.28
N ARG A 985 17.63 -24.52 21.85
CA ARG A 985 16.74 -25.45 22.54
C ARG A 985 16.16 -26.47 21.58
N TYR A 986 15.71 -26.02 20.41
CA TYR A 986 14.97 -26.86 19.48
C TYR A 986 15.80 -27.21 18.25
N ALA A 987 17.12 -27.17 18.38
CA ALA A 987 17.98 -27.69 17.33
C ALA A 987 17.87 -29.21 17.26
N SER A 988 18.27 -29.76 16.12
CA SER A 988 18.24 -31.20 15.95
C SER A 988 19.20 -31.87 16.93
N ILE A 989 18.83 -33.07 17.39
CA ILE A 989 19.60 -33.76 18.42
C ILE A 989 21.00 -34.07 17.93
N ALA A 990 21.13 -34.50 16.68
CA ALA A 990 22.43 -34.79 16.11
C ALA A 990 23.31 -33.55 16.08
N LEU A 991 22.73 -32.41 15.71
CA LEU A 991 23.50 -31.15 15.72
C LEU A 991 23.93 -30.79 17.12
N VAL A 992 23.05 -30.98 18.11
CA VAL A 992 23.40 -30.67 19.50
C VAL A 992 24.57 -31.52 19.96
N LYS A 993 24.51 -32.82 19.69
CA LYS A 993 25.60 -33.72 20.10
C LYS A 993 26.89 -33.37 19.37
N ALA A 994 26.80 -33.07 18.07
CA ALA A 994 27.99 -32.76 17.30
C ALA A 994 28.67 -31.48 17.78
N VAL A 995 27.87 -30.44 18.07
CA VAL A 995 28.47 -29.20 18.56
C VAL A 995 28.94 -29.37 19.99
N GLU A 996 28.33 -30.29 20.75
CA GLU A 996 28.81 -30.59 22.10
C GLU A 996 30.20 -31.23 22.03
N SER A 997 30.40 -32.16 21.09
CA SER A 997 31.73 -32.70 20.87
C SER A 997 32.68 -31.65 20.31
N GLY A 998 32.16 -30.64 19.62
CA GLY A 998 32.95 -29.54 19.12
C GLY A 998 33.32 -29.63 17.66
N ASP A 999 33.24 -30.81 17.06
CA ASP A 999 33.63 -30.96 15.66
C ASP A 999 32.67 -30.26 14.71
N ALA A 1000 31.45 -29.95 15.15
CA ALA A 1000 30.48 -29.26 14.31
C ALA A 1000 30.81 -27.77 14.31
N LYS A 1001 31.28 -27.28 13.17
CA LYS A 1001 31.52 -25.85 12.97
C LYS A 1001 30.44 -25.28 12.07
N GLN A 1002 30.39 -23.95 12.02
CA GLN A 1002 29.47 -23.23 11.15
C GLN A 1002 30.18 -22.90 9.84
N VAL A 1003 29.56 -23.28 8.73
CA VAL A 1003 30.19 -23.12 7.42
C VAL A 1003 29.57 -21.96 6.68
N GLY A 1004 28.33 -21.62 7.02
CA GLY A 1004 27.63 -20.54 6.33
C GLY A 1004 26.23 -20.41 6.89
N TRP A 1005 25.50 -19.46 6.31
CA TRP A 1005 24.15 -19.17 6.75
C TRP A 1005 23.25 -19.03 5.53
N LEU A 1006 21.96 -19.32 5.74
CA LEU A 1006 20.95 -19.19 4.71
C LEU A 1006 19.81 -18.32 5.23
N VAL A 1007 19.26 -17.52 4.34
CA VAL A 1007 18.11 -16.66 4.67
C VAL A 1007 17.01 -16.99 3.68
N PRO A 1008 15.74 -16.77 4.03
CA PRO A 1008 14.67 -16.96 3.04
C PRO A 1008 14.88 -16.09 1.81
N GLY A 1009 15.14 -16.71 0.67
CA GLY A 1009 15.43 -16.01 -0.57
C GLY A 1009 16.74 -16.40 -1.22
N ASP A 1010 17.65 -17.05 -0.48
CA ASP A 1010 18.86 -17.57 -1.11
C ASP A 1010 18.51 -18.63 -2.15
N GLU A 1011 19.31 -18.67 -3.20
CA GLU A 1011 19.14 -19.70 -4.22
C GLU A 1011 20.21 -20.77 -4.07
N LEU A 1012 19.85 -22.00 -4.42
CA LEU A 1012 20.76 -23.13 -4.44
C LEU A 1012 21.00 -23.53 -5.88
N ASP A 1013 22.25 -23.49 -6.32
CA ASP A 1013 22.63 -23.89 -7.66
C ASP A 1013 23.35 -25.24 -7.53
N PHE A 1014 22.64 -26.32 -7.87
CA PHE A 1014 23.18 -27.66 -7.65
C PHE A 1014 24.24 -28.01 -8.68
N GLY A 1015 24.05 -27.57 -9.93
CA GLY A 1015 24.98 -27.86 -10.98
C GLY A 1015 24.28 -28.36 -12.23
N PRO A 1016 25.07 -28.82 -13.21
CA PRO A 1016 24.45 -29.33 -14.46
C PRO A 1016 23.55 -30.54 -14.25
N GLU A 1017 23.87 -31.41 -13.28
CA GLU A 1017 23.11 -32.64 -13.12
C GLU A 1017 21.71 -32.39 -12.57
N GLY A 1018 21.59 -31.54 -11.56
CA GLY A 1018 20.30 -31.31 -10.92
C GLY A 1018 20.18 -31.99 -9.58
N VAL A 1019 19.00 -32.53 -9.27
CA VAL A 1019 18.73 -33.16 -7.98
C VAL A 1019 18.79 -34.67 -8.17
N THR A 1020 19.74 -35.31 -7.48
CA THR A 1020 19.92 -36.75 -7.60
C THR A 1020 19.17 -37.53 -6.53
N THR A 1021 18.69 -36.86 -5.47
CA THR A 1021 18.00 -37.52 -4.36
C THR A 1021 16.50 -37.29 -4.42
N ALA A 1022 15.91 -37.26 -5.61
CA ALA A 1022 14.48 -37.06 -5.74
C ALA A 1022 13.73 -38.36 -5.42
N ALA A 1023 12.51 -38.21 -4.92
CA ALA A 1023 11.70 -39.36 -4.53
C ALA A 1023 10.23 -38.97 -4.50
N GLY A 1024 9.43 -39.62 -5.32
CA GLY A 1024 7.99 -39.45 -5.26
C GLY A 1024 7.50 -38.31 -6.12
N ASP A 1025 6.71 -37.41 -5.52
CA ASP A 1025 6.18 -36.28 -6.25
C ASP A 1025 7.30 -35.34 -6.70
N LEU A 1026 8.41 -35.29 -5.97
CA LEU A 1026 9.56 -34.53 -6.44
C LEU A 1026 10.10 -35.11 -7.74
N SER A 1027 10.21 -36.44 -7.82
CA SER A 1027 10.64 -37.07 -9.07
C SER A 1027 9.64 -36.82 -10.18
N MET A 1028 8.34 -36.90 -9.88
CA MET A 1028 7.33 -36.65 -10.89
C MET A 1028 7.39 -35.21 -11.41
N PHE A 1029 7.73 -34.27 -10.54
CA PHE A 1029 7.87 -32.88 -10.96
C PHE A 1029 9.15 -32.67 -11.77
N LEU A 1030 10.25 -33.25 -11.32
CA LEU A 1030 11.52 -33.12 -12.01
C LEU A 1030 11.54 -33.87 -13.35
N LYS A 1031 10.58 -34.77 -13.56
CA LYS A 1031 10.43 -35.43 -14.85
C LYS A 1031 10.25 -34.41 -15.97
N TYR A 1032 9.43 -33.39 -15.75
CA TYR A 1032 9.18 -32.37 -16.76
C TYR A 1032 9.99 -31.11 -16.56
N PHE A 1033 10.43 -30.83 -15.33
CA PHE A 1033 11.12 -29.59 -14.99
C PHE A 1033 12.41 -29.95 -14.27
N PRO A 1034 13.52 -30.08 -14.99
CA PRO A 1034 14.80 -30.38 -14.34
C PRO A 1034 15.53 -29.13 -13.85
N GLU A 1035 14.97 -28.47 -12.83
CA GLU A 1035 15.63 -27.28 -12.30
C GLU A 1035 16.94 -27.65 -11.61
N ARG A 1036 17.90 -26.75 -11.72
CA ARG A 1036 19.13 -26.79 -10.94
C ARG A 1036 19.22 -25.63 -9.98
N HIS A 1037 18.24 -24.72 -9.98
CA HIS A 1037 18.25 -23.52 -9.16
C HIS A 1037 17.02 -23.54 -8.27
N TRP A 1038 17.22 -23.67 -6.95
CA TRP A 1038 16.14 -23.68 -5.99
C TRP A 1038 16.35 -22.59 -4.96
N VAL A 1039 15.26 -21.93 -4.57
CA VAL A 1039 15.29 -20.79 -3.67
C VAL A 1039 14.85 -21.22 -2.27
N VAL A 1040 15.68 -20.91 -1.27
CA VAL A 1040 15.35 -21.16 0.13
C VAL A 1040 14.14 -20.31 0.52
N THR A 1041 13.03 -20.97 0.85
CA THR A 1041 11.80 -20.26 1.15
C THR A 1041 11.32 -20.47 2.58
N GLY A 1042 12.15 -21.05 3.44
CA GLY A 1042 11.77 -21.25 4.83
C GLY A 1042 12.48 -22.47 5.40
N PHE A 1043 12.23 -22.68 6.69
CA PHE A 1043 12.85 -23.78 7.43
C PHE A 1043 11.77 -24.37 8.35
N GLU A 1044 11.08 -25.40 7.88
CA GLU A 1044 9.86 -25.83 8.57
C GLU A 1044 10.15 -26.58 9.88
N ASP A 1045 11.27 -27.29 9.98
CA ASP A 1045 11.66 -27.86 11.26
C ASP A 1045 13.17 -28.04 11.27
N ASP A 1046 13.68 -28.69 12.33
CA ASP A 1046 15.11 -28.74 12.60
C ASP A 1046 15.89 -29.60 11.62
N LYS A 1047 15.22 -30.45 10.85
CA LYS A 1047 15.90 -31.34 9.92
C LYS A 1047 15.60 -31.04 8.46
N ARG A 1048 14.70 -30.10 8.16
CA ARG A 1048 14.26 -29.86 6.81
C ARG A 1048 14.39 -28.39 6.44
N ILE A 1049 14.52 -28.14 5.14
CA ILE A 1049 14.59 -26.80 4.57
C ILE A 1049 13.62 -26.75 3.40
N ASN A 1050 12.82 -25.69 3.33
CA ASN A 1050 11.84 -25.55 2.27
C ASN A 1050 12.46 -24.84 1.08
N LEU A 1051 12.36 -25.45 -0.09
CA LEU A 1051 12.94 -24.91 -1.31
C LEU A 1051 11.88 -24.83 -2.41
N LYS A 1052 12.00 -23.81 -3.24
CA LYS A 1052 11.13 -23.60 -4.39
C LYS A 1052 11.98 -23.38 -5.64
N PRO A 1053 11.48 -23.75 -6.81
CA PRO A 1053 12.28 -23.57 -8.03
C PRO A 1053 12.44 -22.09 -8.37
N ALA A 1054 13.68 -21.71 -8.71
CA ALA A 1054 13.98 -20.30 -8.93
C ALA A 1054 13.32 -19.77 -10.19
N PHE A 1055 13.28 -20.57 -11.25
CA PHE A 1055 12.90 -20.08 -12.56
C PHE A 1055 11.40 -20.22 -12.85
N LEU A 1056 10.63 -20.79 -11.94
CA LEU A 1056 9.21 -20.99 -12.15
C LEU A 1056 8.41 -19.99 -11.32
N SER A 1057 7.31 -19.52 -11.88
CA SER A 1057 6.46 -18.54 -11.21
C SER A 1057 5.39 -19.28 -10.40
N ALA A 1058 5.32 -18.97 -9.10
CA ALA A 1058 4.33 -19.61 -8.24
C ALA A 1058 2.93 -19.09 -8.50
N GLU A 1059 2.81 -17.83 -8.94
CA GLU A 1059 1.49 -17.29 -9.26
C GLU A 1059 0.87 -18.02 -10.45
N GLN A 1060 1.69 -18.41 -11.42
CA GLN A 1060 1.20 -19.21 -12.53
C GLN A 1060 0.72 -20.58 -12.05
N ALA A 1061 1.44 -21.18 -11.10
CA ALA A 1061 0.97 -22.44 -10.53
C ALA A 1061 -0.35 -22.26 -9.80
N GLU A 1062 -0.51 -21.14 -9.09
CA GLU A 1062 -1.77 -20.89 -8.39
C GLU A 1062 -2.93 -20.70 -9.36
N VAL A 1063 -2.70 -20.01 -10.48
CA VAL A 1063 -3.80 -19.83 -11.43
C VAL A 1063 -4.09 -21.14 -12.16
N LEU A 1064 -3.08 -21.99 -12.34
CA LEU A 1064 -3.34 -23.35 -12.80
C LEU A 1064 -4.23 -24.10 -11.82
N ARG A 1065 -3.96 -23.92 -10.52
CA ARG A 1065 -4.78 -24.58 -9.52
C ARG A 1065 -6.23 -24.11 -9.57
N THR A 1066 -6.44 -22.79 -9.66
CA THR A 1066 -7.80 -22.28 -9.66
C THR A 1066 -8.51 -22.63 -10.95
N GLU A 1067 -7.78 -22.79 -12.05
CA GLU A 1067 -8.41 -23.23 -13.29
C GLU A 1067 -8.79 -24.71 -13.22
N ARG A 1068 -7.91 -25.54 -12.66
CA ARG A 1068 -8.22 -26.97 -12.60
C ARG A 1068 -9.33 -27.23 -11.58
N SER A 1069 -9.43 -26.40 -10.55
CA SER A 1069 -10.48 -26.55 -9.55
C SER A 1069 -11.77 -25.87 -9.95
N ASP A 1070 -11.73 -25.00 -10.96
CA ASP A 1070 -12.96 -24.49 -11.56
C ASP A 1070 -13.33 -25.29 -12.80
N ARG A 1071 -12.40 -25.39 -13.75
CA ARG A 1071 -12.66 -26.05 -15.03
C ARG A 1071 -11.92 -27.37 -15.09
N PRO A 1072 -12.61 -28.50 -15.25
CA PRO A 1072 -11.92 -29.78 -15.33
C PRO A 1072 -11.51 -30.12 -16.77
N ASP A 1073 -10.55 -31.05 -16.86
CA ASP A 1073 -10.04 -31.57 -18.13
C ASP A 1073 -9.53 -30.42 -19.00
N THR A 1074 -8.70 -29.56 -18.40
CA THR A 1074 -8.19 -28.38 -19.09
C THR A 1074 -6.67 -28.31 -19.15
N LEU A 1075 -5.96 -29.15 -18.41
CA LEU A 1075 -4.51 -29.04 -18.29
C LEU A 1075 -3.81 -30.29 -18.81
N THR A 1076 -2.56 -30.10 -19.23
CA THR A 1076 -1.69 -31.20 -19.58
C THR A 1076 -1.30 -31.94 -18.30
N GLU A 1077 -0.95 -33.22 -18.44
CA GLU A 1077 -0.46 -34.00 -17.30
C GLU A 1077 0.72 -33.31 -16.63
N ALA A 1078 1.61 -32.71 -17.42
CA ALA A 1078 2.69 -31.91 -16.85
C ALA A 1078 2.16 -30.70 -16.10
N GLY A 1079 1.10 -30.08 -16.63
CA GLY A 1079 0.47 -28.97 -15.93
C GLY A 1079 -0.13 -29.39 -14.60
N GLU A 1080 -0.77 -30.57 -14.58
CA GLU A 1080 -1.29 -31.10 -13.32
C GLU A 1080 -0.16 -31.39 -12.33
N ILE A 1081 0.94 -31.96 -12.81
CA ILE A 1081 2.06 -32.26 -11.92
C ILE A 1081 2.64 -30.97 -11.34
N LEU A 1082 2.81 -29.95 -12.18
CA LEU A 1082 3.32 -28.66 -11.71
C LEU A 1082 2.39 -28.05 -10.68
N ALA A 1083 1.08 -28.09 -10.94
CA ALA A 1083 0.12 -27.53 -9.99
C ALA A 1083 0.11 -28.30 -8.68
N GLN A 1084 0.38 -29.61 -8.73
CA GLN A 1084 0.43 -30.39 -7.50
C GLN A 1084 1.70 -30.13 -6.70
N PHE A 1085 2.82 -29.82 -7.37
CA PHE A 1085 4.05 -29.53 -6.64
C PHE A 1085 3.90 -28.29 -5.76
N PHE A 1086 3.38 -27.21 -6.33
CA PHE A 1086 3.19 -25.97 -5.61
C PHE A 1086 1.98 -26.07 -4.69
N PRO A 1087 1.86 -25.20 -3.66
CA PRO A 1087 2.78 -24.14 -3.23
C PRO A 1087 3.75 -24.61 -2.17
N ARG A 1088 3.57 -25.83 -1.66
CA ARG A 1088 4.48 -26.38 -0.67
C ARG A 1088 5.86 -26.62 -1.28
N CYS A 1089 5.88 -26.98 -2.56
CA CYS A 1089 7.10 -27.19 -3.36
C CYS A 1089 7.92 -28.31 -2.71
N TRP A 1090 9.22 -28.13 -2.54
CA TRP A 1090 10.11 -29.19 -2.11
C TRP A 1090 10.37 -29.02 -0.62
N ARG A 1091 9.49 -29.61 0.20
CA ARG A 1091 9.71 -29.66 1.65
C ARG A 1091 10.84 -30.65 1.88
N ALA A 1092 12.05 -30.13 1.92
CA ALA A 1092 13.24 -30.91 1.65
C ALA A 1092 14.07 -31.14 2.91
N THR A 1093 14.43 -32.40 3.15
CA THR A 1093 15.31 -32.73 4.26
C THR A 1093 16.69 -32.12 4.02
N VAL A 1094 17.26 -31.53 5.07
CA VAL A 1094 18.56 -30.87 4.97
C VAL A 1094 19.65 -31.89 4.65
N ALA A 1095 19.57 -33.07 5.26
CA ALA A 1095 20.59 -34.09 5.04
C ALA A 1095 20.57 -34.62 3.61
N LYS A 1096 19.42 -34.50 2.92
CA LYS A 1096 19.35 -34.94 1.53
C LYS A 1096 19.68 -33.83 0.55
N VAL A 1097 19.51 -32.58 0.96
CA VAL A 1097 19.76 -31.44 0.07
C VAL A 1097 21.22 -31.06 0.12
N LEU A 1098 21.75 -30.83 1.31
CA LEU A 1098 23.10 -30.31 1.43
C LEU A 1098 24.16 -31.37 1.15
N CYS A 1099 23.76 -32.61 0.91
CA CYS A 1099 24.70 -33.68 0.58
C CYS A 1099 24.96 -33.80 -0.92
N HIS A 1100 24.40 -32.92 -1.72
CA HIS A 1100 24.69 -32.95 -3.15
C HIS A 1100 26.10 -32.43 -3.40
N PRO A 1101 26.96 -33.19 -4.08
CA PRO A 1101 28.24 -32.63 -4.51
C PRO A 1101 28.04 -31.49 -5.49
N GLY A 1102 28.92 -30.49 -5.41
CA GLY A 1102 28.83 -29.38 -6.32
C GLY A 1102 27.74 -28.37 -5.99
N LEU A 1103 27.10 -28.50 -4.83
CA LEU A 1103 26.11 -27.51 -4.43
C LEU A 1103 26.79 -26.17 -4.21
N THR A 1104 26.14 -25.10 -4.67
CA THR A 1104 26.61 -23.74 -4.45
C THR A 1104 25.45 -22.89 -3.96
N VAL A 1105 25.67 -22.19 -2.85
CA VAL A 1105 24.73 -21.18 -2.37
C VAL A 1105 25.16 -19.87 -3.02
N ILE A 1106 24.42 -19.44 -4.04
CA ILE A 1106 24.86 -18.37 -4.93
C ILE A 1106 24.28 -17.05 -4.43
N ARG A 1107 25.15 -16.10 -4.12
CA ARG A 1107 24.77 -14.73 -3.80
C ARG A 1107 25.16 -13.88 -5.01
N ARG A 1108 24.18 -13.51 -5.81
CA ARG A 1108 24.45 -12.81 -7.06
C ARG A 1108 24.72 -11.34 -6.81
N THR A 1109 25.38 -10.71 -7.77
CA THR A 1109 25.58 -9.26 -7.75
C THR A 1109 24.33 -8.59 -8.30
N ALA A 1110 24.40 -7.27 -8.48
CA ALA A 1110 23.26 -6.56 -9.05
C ALA A 1110 23.04 -6.94 -10.51
N LEU A 1111 24.11 -7.29 -11.22
CA LEU A 1111 24.02 -7.68 -12.61
C LEU A 1111 23.53 -9.11 -12.81
N GLY A 1112 23.35 -9.86 -11.74
CA GLY A 1112 22.95 -11.25 -11.84
C GLY A 1112 24.08 -12.23 -11.91
N GLN A 1113 25.29 -11.83 -11.57
CA GLN A 1113 26.45 -12.69 -11.64
C GLN A 1113 26.78 -13.23 -10.26
N PRO A 1114 27.08 -14.52 -10.14
CA PRO A 1114 27.45 -15.08 -8.82
C PRO A 1114 28.72 -14.43 -8.27
N ARG A 1115 28.58 -13.75 -7.14
CA ARG A 1115 29.73 -13.19 -6.45
C ARG A 1115 30.57 -14.29 -5.83
N TRP A 1116 31.88 -14.22 -6.05
CA TRP A 1116 32.78 -15.25 -5.53
C TRP A 1116 33.96 -14.71 -4.73
N ARG A 1117 34.36 -13.46 -4.92
CA ARG A 1117 35.40 -12.88 -4.09
C ARG A 1117 34.90 -12.68 -2.67
N ARG A 1118 35.72 -13.06 -1.68
CA ARG A 1118 35.36 -12.93 -0.28
C ARG A 1118 35.59 -11.49 0.17
N GLY A 1119 34.74 -10.60 -0.34
CA GLY A 1119 34.78 -9.19 0.01
C GLY A 1119 33.88 -8.87 1.18
N HIS A 1120 33.49 -7.61 1.26
CA HIS A 1120 32.63 -7.12 2.33
C HIS A 1120 31.15 -7.19 1.98
N LEU A 1121 30.78 -8.12 1.11
CA LEU A 1121 29.39 -8.36 0.72
C LEU A 1121 29.17 -9.87 0.71
N PRO A 1122 27.92 -10.32 0.83
CA PRO A 1122 27.64 -11.76 0.81
C PRO A 1122 28.10 -12.41 -0.48
N TYR A 1123 28.99 -13.38 -0.36
CA TYR A 1123 29.55 -14.10 -1.48
C TYR A 1123 28.99 -15.51 -1.56
N SER A 1124 29.14 -16.13 -2.71
CA SER A 1124 28.73 -17.51 -2.87
C SER A 1124 29.67 -18.44 -2.14
N TRP A 1125 29.16 -19.60 -1.75
CA TRP A 1125 29.96 -20.58 -1.03
C TRP A 1125 29.47 -21.98 -1.36
N ARG A 1126 30.35 -22.95 -1.22
CA ARG A 1126 30.04 -24.36 -1.42
C ARG A 1126 29.95 -25.05 -0.08
N PRO A 1127 28.79 -25.57 0.32
CA PRO A 1127 28.67 -26.19 1.65
C PRO A 1127 29.62 -27.36 1.86
N TRP A 1128 29.97 -28.09 0.81
CA TRP A 1128 30.92 -29.18 0.95
C TRP A 1128 32.32 -28.69 1.27
N SER A 1129 32.70 -27.53 0.74
CA SER A 1129 34.07 -27.04 0.94
C SER A 1129 34.11 -25.66 1.59
N ALA A 1130 33.05 -25.23 2.25
CA ALA A 1130 33.04 -23.94 2.92
C ALA A 1130 33.97 -23.97 4.13
N ASP A 1131 34.83 -22.97 4.23
CA ASP A 1131 35.81 -22.91 5.30
C ASP A 1131 35.20 -22.31 6.56
N PRO A 1132 35.73 -22.64 7.73
CA PRO A 1132 35.23 -22.04 8.98
C PRO A 1132 35.50 -20.54 9.02
N TRP A 1133 34.69 -19.86 9.83
CA TRP A 1133 34.72 -18.40 9.88
C TRP A 1133 36.04 -17.89 10.45
N SER A 1134 36.46 -16.73 9.96
CA SER A 1134 37.72 -16.07 10.34
C SER A 1134 38.91 -16.99 10.15
#